data_170D
# 
_entry.id   170D 
# 
_audit_conform.dict_name       mmcif_pdbx.dic 
_audit_conform.dict_version    5.392 
_audit_conform.dict_location   http://mmcif.pdb.org/dictionaries/ascii/mmcif_pdbx.dic 
# 
loop_
_database_2.database_id 
_database_2.database_code 
_database_2.pdbx_database_accession 
_database_2.pdbx_DOI 
PDB   170D         pdb_0000170d 10.2210/pdb170d/pdb 
WWPDB D_1000170158 ?            ?                   
# 
loop_
_pdbx_audit_revision_history.ordinal 
_pdbx_audit_revision_history.data_content_type 
_pdbx_audit_revision_history.major_revision 
_pdbx_audit_revision_history.minor_revision 
_pdbx_audit_revision_history.revision_date 
1 'Structure model' 1 0 1994-07-31 
2 'Structure model' 1 1 2008-03-24 
3 'Structure model' 1 2 2011-07-13 
4 'Structure model' 1 3 2022-02-16 
5 'Structure model' 1 4 2024-05-22 
# 
_pdbx_audit_revision_details.ordinal             1 
_pdbx_audit_revision_details.revision_ordinal    1 
_pdbx_audit_revision_details.data_content_type   'Structure model' 
_pdbx_audit_revision_details.provider            repository 
_pdbx_audit_revision_details.type                'Initial release' 
_pdbx_audit_revision_details.description         ? 
_pdbx_audit_revision_details.details             ? 
# 
loop_
_pdbx_audit_revision_group.ordinal 
_pdbx_audit_revision_group.revision_ordinal 
_pdbx_audit_revision_group.data_content_type 
_pdbx_audit_revision_group.group 
1 2 'Structure model' 'Version format compliance' 
2 3 'Structure model' 'Version format compliance' 
3 4 'Structure model' 'Database references'       
4 4 'Structure model' 'Derived calculations'      
5 4 'Structure model' Other                       
6 5 'Structure model' 'Data collection'           
# 
loop_
_pdbx_audit_revision_category.ordinal 
_pdbx_audit_revision_category.revision_ordinal 
_pdbx_audit_revision_category.data_content_type 
_pdbx_audit_revision_category.category 
1 4 'Structure model' database_2            
2 4 'Structure model' pdbx_database_status  
3 4 'Structure model' pdbx_struct_assembly  
4 4 'Structure model' pdbx_struct_oper_list 
5 4 'Structure model' struct_conn           
6 5 'Structure model' chem_comp_atom        
7 5 'Structure model' chem_comp_bond        
# 
loop_
_pdbx_audit_revision_item.ordinal 
_pdbx_audit_revision_item.revision_ordinal 
_pdbx_audit_revision_item.data_content_type 
_pdbx_audit_revision_item.item 
1 4 'Structure model' '_database_2.pdbx_DOI'                
2 4 'Structure model' '_database_2.pdbx_database_accession' 
3 4 'Structure model' '_pdbx_database_status.process_site'  
4 4 'Structure model' '_struct_conn.pdbx_leaving_atom_flag' 
# 
_pdbx_database_status.status_code                     REL 
_pdbx_database_status.entry_id                        170D 
_pdbx_database_status.recvd_initial_deposition_date   1994-03-14 
_pdbx_database_status.deposit_site                    ? 
_pdbx_database_status.process_site                    BNL 
_pdbx_database_status.status_code_sf                  ? 
_pdbx_database_status.status_code_mr                  REL 
_pdbx_database_status.SG_entry                        ? 
_pdbx_database_status.pdb_format_compatible           Y 
_pdbx_database_status.status_code_cs                  ? 
_pdbx_database_status.status_code_nmr_data            ? 
_pdbx_database_status.methods_development_category    ? 
# 
_pdbx_database_related.db_name        PDB 
_pdbx_database_related.db_id          171D 
_pdbx_database_related.details        . 
_pdbx_database_related.content_type   unspecified 
# 
loop_
_audit_author.name 
_audit_author.pdbx_ordinal 
'Schweitzer, B.I.' 1 
'Mikita, T.'       2 
'Kellogg, G.W.'    3 
'Gardner, K.H.'    4 
'Beardsley, G.P.'  5 
# 
_citation.id                        primary 
_citation.title                     
;Solution structure of a DNA dodecamer containing the anti-neoplastic agent arabinosylcytosine: combined use of NMR, restrained molecular dynamics, and full relaxation matrix refinement.
;
_citation.journal_abbrev            Biochemistry 
_citation.journal_volume            33 
_citation.page_first                11460 
_citation.page_last                 11475 
_citation.year                      1994 
_citation.journal_id_ASTM           BICHAW 
_citation.country                   US 
_citation.journal_id_ISSN           0006-2960 
_citation.journal_id_CSD            0033 
_citation.book_publisher            ? 
_citation.pdbx_database_id_PubMed   7918360 
_citation.pdbx_database_id_DOI      10.1021/bi00204a008 
# 
loop_
_citation_author.citation_id 
_citation_author.name 
_citation_author.ordinal 
_citation_author.identifier_ORCID 
primary 'Schweitzer, B.I.' 1 ? 
primary 'Mikita, T.'       2 ? 
primary 'Kellogg, G.W.'    3 ? 
primary 'Gardner, K.H.'    4 ? 
primary 'Beardsley, G.P.'  5 ? 
# 
_entity.id                         1 
_entity.type                       polymer 
_entity.src_method                 syn 
_entity.pdbx_description           
;DNA/RNA (5'-D(*CP*GP*CP*GP*AP*AP*TP*T)-R(P*CAR)-D(P*GP*CP*G)-3')
;
_entity.formula_weight             3679.392 
_entity.pdbx_number_of_molecules   2 
_entity.pdbx_ec                    ? 
_entity.pdbx_mutation              ? 
_entity.pdbx_fragment              ? 
_entity.details                    ? 
# 
_entity_poly.entity_id                      1 
_entity_poly.type                           'polydeoxyribonucleotide/polyribonucleotide hybrid' 
_entity_poly.nstd_linkage                   no 
_entity_poly.nstd_monomer                   yes 
_entity_poly.pdbx_seq_one_letter_code       '(DC)(DG)(DC)(DG)(DA)(DA)(DT)(DT)(CAR)(DG)(DC)(DG)' 
_entity_poly.pdbx_seq_one_letter_code_can   CGCGAATTCGCG 
_entity_poly.pdbx_strand_id                 A,B 
_entity_poly.pdbx_target_identifier         ? 
# 
loop_
_entity_poly_seq.entity_id 
_entity_poly_seq.num 
_entity_poly_seq.mon_id 
_entity_poly_seq.hetero 
1 1  DC  n 
1 2  DG  n 
1 3  DC  n 
1 4  DG  n 
1 5  DA  n 
1 6  DA  n 
1 7  DT  n 
1 8  DT  n 
1 9  CAR n 
1 10 DG  n 
1 11 DC  n 
1 12 DG  n 
# 
_pdbx_entity_src_syn.entity_id              1 
_pdbx_entity_src_syn.pdbx_src_id            1 
_pdbx_entity_src_syn.pdbx_alt_source_flag   sample 
_pdbx_entity_src_syn.pdbx_beg_seq_num       ? 
_pdbx_entity_src_syn.pdbx_end_seq_num       ? 
_pdbx_entity_src_syn.organism_scientific    ? 
_pdbx_entity_src_syn.organism_common_name   ? 
_pdbx_entity_src_syn.ncbi_taxonomy_id       ? 
_pdbx_entity_src_syn.details                'CHEMICALLY SYNTHESIZED' 
# 
loop_
_chem_comp.id 
_chem_comp.type 
_chem_comp.mon_nstd_flag 
_chem_comp.name 
_chem_comp.pdbx_synonyms 
_chem_comp.formula 
_chem_comp.formula_weight 
CAR 'RNA linking' n 
;CYTOSINE ARABINOSE-5'-PHOSPHATE
;
? 'C9 H14 N3 O8 P'  323.197 
DA  'DNA linking' y "2'-DEOXYADENOSINE-5'-MONOPHOSPHATE" ? 'C10 H14 N5 O6 P' 331.222 
DC  'DNA linking' y "2'-DEOXYCYTIDINE-5'-MONOPHOSPHATE"  ? 'C9 H14 N3 O7 P'  307.197 
DG  'DNA linking' y "2'-DEOXYGUANOSINE-5'-MONOPHOSPHATE" ? 'C10 H14 N5 O7 P' 347.221 
DT  'DNA linking' y "THYMIDINE-5'-MONOPHOSPHATE"         ? 'C10 H15 N2 O8 P' 322.208 
# 
loop_
_pdbx_poly_seq_scheme.asym_id 
_pdbx_poly_seq_scheme.entity_id 
_pdbx_poly_seq_scheme.seq_id 
_pdbx_poly_seq_scheme.mon_id 
_pdbx_poly_seq_scheme.ndb_seq_num 
_pdbx_poly_seq_scheme.pdb_seq_num 
_pdbx_poly_seq_scheme.auth_seq_num 
_pdbx_poly_seq_scheme.pdb_mon_id 
_pdbx_poly_seq_scheme.auth_mon_id 
_pdbx_poly_seq_scheme.pdb_strand_id 
_pdbx_poly_seq_scheme.pdb_ins_code 
_pdbx_poly_seq_scheme.hetero 
A 1 1  DC  1  1  1  DC  C   A . n 
A 1 2  DG  2  2  2  DG  G   A . n 
A 1 3  DC  3  3  3  DC  C   A . n 
A 1 4  DG  4  4  4  DG  G   A . n 
A 1 5  DA  5  5  5  DA  A   A . n 
A 1 6  DA  6  6  6  DA  A   A . n 
A 1 7  DT  7  7  7  DT  T   A . n 
A 1 8  DT  8  8  8  DT  T   A . n 
A 1 9  CAR 9  9  9  CAR CAR A . n 
A 1 10 DG  10 10 10 DG  G   A . n 
A 1 11 DC  11 11 11 DC  C   A . n 
A 1 12 DG  12 12 12 DG  G   A . n 
B 1 1  DC  1  13 13 DC  C   B . n 
B 1 2  DG  2  14 14 DG  G   B . n 
B 1 3  DC  3  15 15 DC  C   B . n 
B 1 4  DG  4  16 16 DG  G   B . n 
B 1 5  DA  5  17 17 DA  A   B . n 
B 1 6  DA  6  18 18 DA  A   B . n 
B 1 7  DT  7  19 19 DT  T   B . n 
B 1 8  DT  8  20 20 DT  T   B . n 
B 1 9  CAR 9  21 21 CAR CAR B . n 
B 1 10 DG  10 22 22 DG  G   B . n 
B 1 11 DC  11 23 23 DC  C   B . n 
B 1 12 DG  12 24 24 DG  G   B . n 
# 
loop_
_software.name 
_software.classification 
_software.version 
_software.citation_id 
_software.pdbx_ordinal 
X-PLOR 'model building' . ? 1 
X-PLOR refinement       . ? 2 
X-PLOR phasing          . ? 3 
# 
_cell.entry_id           170D 
_cell.length_a           1.000 
_cell.length_b           1.000 
_cell.length_c           1.000 
_cell.angle_alpha        90.00 
_cell.angle_beta         90.00 
_cell.angle_gamma        90.00 
_cell.Z_PDB              1 
_cell.pdbx_unique_axis   ? 
# 
_symmetry.entry_id                         170D 
_symmetry.space_group_name_H-M             'P 1' 
_symmetry.pdbx_full_space_group_name_H-M   ? 
_symmetry.cell_setting                     ? 
_symmetry.Int_Tables_number                1 
# 
_exptl.entry_id          170D 
_exptl.method            'SOLUTION NMR' 
_exptl.crystals_number   ? 
# 
_struct.entry_id                  170D 
_struct.title                     
;SOLUTION STRUCTURE OF A DNA DODECAMER CONTAINING THE ANTI-NEOPLASTIC AGENT ARABINOSYLCYTOSINE: COMBINED USE OF NMR, RESTRAINED MOLECULAR DYNAMICS AND FULL RELAXATION MATRIX REFINEMENT
;
_struct.pdbx_model_details        ? 
_struct.pdbx_CASP_flag            ? 
_struct.pdbx_model_type_details   ? 
# 
_struct_keywords.entry_id        170D 
_struct_keywords.pdbx_keywords   DNA 
_struct_keywords.text            DNA 
# 
loop_
_struct_asym.id 
_struct_asym.pdbx_blank_PDB_chainid_flag 
_struct_asym.pdbx_modified 
_struct_asym.entity_id 
_struct_asym.details 
A N N 1 ? 
B N N 1 ? 
# 
_struct_ref.id                         1 
_struct_ref.entity_id                  1 
_struct_ref.db_name                    PDB 
_struct_ref.db_code                    170D 
_struct_ref.pdbx_db_accession          170D 
_struct_ref.pdbx_db_isoform            ? 
_struct_ref.pdbx_seq_one_letter_code   ? 
_struct_ref.pdbx_align_begin           ? 
# 
loop_
_struct_ref_seq.align_id 
_struct_ref_seq.ref_id 
_struct_ref_seq.pdbx_PDB_id_code 
_struct_ref_seq.pdbx_strand_id 
_struct_ref_seq.seq_align_beg 
_struct_ref_seq.pdbx_seq_align_beg_ins_code 
_struct_ref_seq.seq_align_end 
_struct_ref_seq.pdbx_seq_align_end_ins_code 
_struct_ref_seq.pdbx_db_accession 
_struct_ref_seq.db_align_beg 
_struct_ref_seq.pdbx_db_align_beg_ins_code 
_struct_ref_seq.db_align_end 
_struct_ref_seq.pdbx_db_align_end_ins_code 
_struct_ref_seq.pdbx_auth_seq_align_beg 
_struct_ref_seq.pdbx_auth_seq_align_end 
1 1 170D A 1 ? 12 ? 170D 1  ? 12 ? 1  12 
2 1 170D B 1 ? 12 ? 170D 13 ? 24 ? 13 24 
# 
_pdbx_struct_assembly.id                   1 
_pdbx_struct_assembly.details              author_defined_assembly 
_pdbx_struct_assembly.method_details       ? 
_pdbx_struct_assembly.oligomeric_details   dimeric 
_pdbx_struct_assembly.oligomeric_count     2 
# 
_pdbx_struct_assembly_gen.assembly_id       1 
_pdbx_struct_assembly_gen.oper_expression   1 
_pdbx_struct_assembly_gen.asym_id_list      A,B 
# 
_pdbx_struct_oper_list.id                   1 
_pdbx_struct_oper_list.type                 'identity operation' 
_pdbx_struct_oper_list.name                 1_555 
_pdbx_struct_oper_list.symmetry_operation   x,y,z 
_pdbx_struct_oper_list.matrix[1][1]         1.0000000000 
_pdbx_struct_oper_list.matrix[1][2]         0.0000000000 
_pdbx_struct_oper_list.matrix[1][3]         0.0000000000 
_pdbx_struct_oper_list.vector[1]            0.0000000000 
_pdbx_struct_oper_list.matrix[2][1]         0.0000000000 
_pdbx_struct_oper_list.matrix[2][2]         1.0000000000 
_pdbx_struct_oper_list.matrix[2][3]         0.0000000000 
_pdbx_struct_oper_list.vector[2]            0.0000000000 
_pdbx_struct_oper_list.matrix[3][1]         0.0000000000 
_pdbx_struct_oper_list.matrix[3][2]         0.0000000000 
_pdbx_struct_oper_list.matrix[3][3]         1.0000000000 
_pdbx_struct_oper_list.vector[3]            0.0000000000 
# 
_struct_biol.id   1 
# 
loop_
_struct_conn.id 
_struct_conn.conn_type_id 
_struct_conn.pdbx_leaving_atom_flag 
_struct_conn.pdbx_PDB_id 
_struct_conn.ptnr1_label_asym_id 
_struct_conn.ptnr1_label_comp_id 
_struct_conn.ptnr1_label_seq_id 
_struct_conn.ptnr1_label_atom_id 
_struct_conn.pdbx_ptnr1_label_alt_id 
_struct_conn.pdbx_ptnr1_PDB_ins_code 
_struct_conn.pdbx_ptnr1_standard_comp_id 
_struct_conn.ptnr1_symmetry 
_struct_conn.ptnr2_label_asym_id 
_struct_conn.ptnr2_label_comp_id 
_struct_conn.ptnr2_label_seq_id 
_struct_conn.ptnr2_label_atom_id 
_struct_conn.pdbx_ptnr2_label_alt_id 
_struct_conn.pdbx_ptnr2_PDB_ins_code 
_struct_conn.ptnr1_auth_asym_id 
_struct_conn.ptnr1_auth_comp_id 
_struct_conn.ptnr1_auth_seq_id 
_struct_conn.ptnr2_auth_asym_id 
_struct_conn.ptnr2_auth_comp_id 
_struct_conn.ptnr2_auth_seq_id 
_struct_conn.ptnr2_symmetry 
_struct_conn.pdbx_ptnr3_label_atom_id 
_struct_conn.pdbx_ptnr3_label_seq_id 
_struct_conn.pdbx_ptnr3_label_comp_id 
_struct_conn.pdbx_ptnr3_label_asym_id 
_struct_conn.pdbx_ptnr3_label_alt_id 
_struct_conn.pdbx_ptnr3_PDB_ins_code 
_struct_conn.details 
_struct_conn.pdbx_dist_value 
_struct_conn.pdbx_value_order 
_struct_conn.pdbx_role 
covale1  covale both ? A DT  8  "O3'" ? ? ? 1_555 A CAR 9  P  ? ? A DT  8  A CAR 9  1_555 ? ? ? ? ? ? ?            1.610 ? ? 
covale2  covale both ? A CAR 9  "O3'" ? ? ? 1_555 A DG  10 P  ? ? A CAR 9  A DG  10 1_555 ? ? ? ? ? ? ?            1.597 ? ? 
covale3  covale both ? B DT  8  "O3'" ? ? ? 1_555 B CAR 9  P  ? ? B DT  20 B CAR 21 1_555 ? ? ? ? ? ? ?            1.608 ? ? 
covale4  covale both ? B CAR 9  "O3'" ? ? ? 1_555 B DG  10 P  ? ? B CAR 21 B DG  22 1_555 ? ? ? ? ? ? ?            1.604 ? ? 
hydrog1  hydrog ?    ? A DC  1  N3    ? ? ? 1_555 B DG  12 N1 ? ? A DC  1  B DG  24 1_555 ? ? ? ? ? ? WATSON-CRICK ?     ? ? 
hydrog2  hydrog ?    ? A DC  1  N4    ? ? ? 1_555 B DG  12 O6 ? ? A DC  1  B DG  24 1_555 ? ? ? ? ? ? WATSON-CRICK ?     ? ? 
hydrog3  hydrog ?    ? A DC  1  O2    ? ? ? 1_555 B DG  12 N2 ? ? A DC  1  B DG  24 1_555 ? ? ? ? ? ? WATSON-CRICK ?     ? ? 
hydrog4  hydrog ?    ? A DG  2  N1    ? ? ? 1_555 B DC  11 N3 ? ? A DG  2  B DC  23 1_555 ? ? ? ? ? ? WATSON-CRICK ?     ? ? 
hydrog5  hydrog ?    ? A DG  2  N2    ? ? ? 1_555 B DC  11 O2 ? ? A DG  2  B DC  23 1_555 ? ? ? ? ? ? WATSON-CRICK ?     ? ? 
hydrog6  hydrog ?    ? A DG  2  O6    ? ? ? 1_555 B DC  11 N4 ? ? A DG  2  B DC  23 1_555 ? ? ? ? ? ? WATSON-CRICK ?     ? ? 
hydrog7  hydrog ?    ? A DC  3  N3    ? ? ? 1_555 B DG  10 N1 ? ? A DC  3  B DG  22 1_555 ? ? ? ? ? ? WATSON-CRICK ?     ? ? 
hydrog8  hydrog ?    ? A DC  3  N4    ? ? ? 1_555 B DG  10 O6 ? ? A DC  3  B DG  22 1_555 ? ? ? ? ? ? WATSON-CRICK ?     ? ? 
hydrog9  hydrog ?    ? A DC  3  O2    ? ? ? 1_555 B DG  10 N2 ? ? A DC  3  B DG  22 1_555 ? ? ? ? ? ? WATSON-CRICK ?     ? ? 
hydrog10 hydrog ?    ? A DG  4  N1    ? ? ? 1_555 B CAR 9  N3 ? ? A DG  4  B CAR 21 1_555 ? ? ? ? ? ? WATSON-CRICK ?     ? ? 
hydrog11 hydrog ?    ? A DG  4  N2    ? ? ? 1_555 B CAR 9  O2 ? ? A DG  4  B CAR 21 1_555 ? ? ? ? ? ? WATSON-CRICK ?     ? ? 
hydrog12 hydrog ?    ? A DG  4  O6    ? ? ? 1_555 B CAR 9  N4 ? ? A DG  4  B CAR 21 1_555 ? ? ? ? ? ? WATSON-CRICK ?     ? ? 
hydrog13 hydrog ?    ? A DA  5  N1    ? ? ? 1_555 B DT  8  N3 ? ? A DA  5  B DT  20 1_555 ? ? ? ? ? ? WATSON-CRICK ?     ? ? 
hydrog14 hydrog ?    ? A DA  5  N6    ? ? ? 1_555 B DT  8  O4 ? ? A DA  5  B DT  20 1_555 ? ? ? ? ? ? WATSON-CRICK ?     ? ? 
hydrog15 hydrog ?    ? A DA  6  N1    ? ? ? 1_555 B DT  7  N3 ? ? A DA  6  B DT  19 1_555 ? ? ? ? ? ? WATSON-CRICK ?     ? ? 
hydrog16 hydrog ?    ? A DA  6  N6    ? ? ? 1_555 B DT  7  O4 ? ? A DA  6  B DT  19 1_555 ? ? ? ? ? ? WATSON-CRICK ?     ? ? 
hydrog17 hydrog ?    ? A DT  7  N3    ? ? ? 1_555 B DA  6  N1 ? ? A DT  7  B DA  18 1_555 ? ? ? ? ? ? WATSON-CRICK ?     ? ? 
hydrog18 hydrog ?    ? A DT  7  O4    ? ? ? 1_555 B DA  6  N6 ? ? A DT  7  B DA  18 1_555 ? ? ? ? ? ? WATSON-CRICK ?     ? ? 
hydrog19 hydrog ?    ? A DT  8  N3    ? ? ? 1_555 B DA  5  N1 ? ? A DT  8  B DA  17 1_555 ? ? ? ? ? ? WATSON-CRICK ?     ? ? 
hydrog20 hydrog ?    ? A DT  8  O4    ? ? ? 1_555 B DA  5  N6 ? ? A DT  8  B DA  17 1_555 ? ? ? ? ? ? WATSON-CRICK ?     ? ? 
hydrog21 hydrog ?    ? A CAR 9  N3    ? ? ? 1_555 B DG  4  N1 ? ? A CAR 9  B DG  16 1_555 ? ? ? ? ? ? WATSON-CRICK ?     ? ? 
hydrog22 hydrog ?    ? A CAR 9  N4    ? ? ? 1_555 B DG  4  O6 ? ? A CAR 9  B DG  16 1_555 ? ? ? ? ? ? WATSON-CRICK ?     ? ? 
hydrog23 hydrog ?    ? A CAR 9  O2    ? ? ? 1_555 B DG  4  N2 ? ? A CAR 9  B DG  16 1_555 ? ? ? ? ? ? WATSON-CRICK ?     ? ? 
hydrog24 hydrog ?    ? A DG  10 N1    ? ? ? 1_555 B DC  3  N3 ? ? A DG  10 B DC  15 1_555 ? ? ? ? ? ? WATSON-CRICK ?     ? ? 
hydrog25 hydrog ?    ? A DG  10 N2    ? ? ? 1_555 B DC  3  O2 ? ? A DG  10 B DC  15 1_555 ? ? ? ? ? ? WATSON-CRICK ?     ? ? 
hydrog26 hydrog ?    ? A DG  10 O6    ? ? ? 1_555 B DC  3  N4 ? ? A DG  10 B DC  15 1_555 ? ? ? ? ? ? WATSON-CRICK ?     ? ? 
hydrog27 hydrog ?    ? A DC  11 N3    ? ? ? 1_555 B DG  2  N1 ? ? A DC  11 B DG  14 1_555 ? ? ? ? ? ? WATSON-CRICK ?     ? ? 
hydrog28 hydrog ?    ? A DC  11 N4    ? ? ? 1_555 B DG  2  O6 ? ? A DC  11 B DG  14 1_555 ? ? ? ? ? ? WATSON-CRICK ?     ? ? 
hydrog29 hydrog ?    ? A DC  11 O2    ? ? ? 1_555 B DG  2  N2 ? ? A DC  11 B DG  14 1_555 ? ? ? ? ? ? WATSON-CRICK ?     ? ? 
hydrog30 hydrog ?    ? A DG  12 N1    ? ? ? 1_555 B DC  1  N3 ? ? A DG  12 B DC  13 1_555 ? ? ? ? ? ? WATSON-CRICK ?     ? ? 
hydrog31 hydrog ?    ? A DG  12 N2    ? ? ? 1_555 B DC  1  O2 ? ? A DG  12 B DC  13 1_555 ? ? ? ? ? ? WATSON-CRICK ?     ? ? 
hydrog32 hydrog ?    ? A DG  12 O6    ? ? ? 1_555 B DC  1  N4 ? ? A DG  12 B DC  13 1_555 ? ? ? ? ? ? WATSON-CRICK ?     ? ? 
# 
loop_
_struct_conn_type.id 
_struct_conn_type.criteria 
_struct_conn_type.reference 
covale ? ? 
hydrog ? ? 
# 
loop_
_pdbx_struct_mod_residue.id 
_pdbx_struct_mod_residue.label_asym_id 
_pdbx_struct_mod_residue.label_comp_id 
_pdbx_struct_mod_residue.label_seq_id 
_pdbx_struct_mod_residue.auth_asym_id 
_pdbx_struct_mod_residue.auth_comp_id 
_pdbx_struct_mod_residue.auth_seq_id 
_pdbx_struct_mod_residue.PDB_ins_code 
_pdbx_struct_mod_residue.parent_comp_id 
_pdbx_struct_mod_residue.details 
1 A CAR 9 A CAR 9  ? DC 
;CYTOSINE ARABINOSE-5'-PHOSPHATE
;
2 B CAR 9 B CAR 21 ? DC 
;CYTOSINE ARABINOSE-5'-PHOSPHATE
;
# 
_pdbx_nmr_ensemble.entry_id                                      170D 
_pdbx_nmr_ensemble.conformers_calculated_total_number            6 
_pdbx_nmr_ensemble.conformers_submitted_total_number             1 
_pdbx_nmr_ensemble.conformer_selection_criteria                  ? 
_pdbx_nmr_ensemble.average_constraints_per_residue               ? 
_pdbx_nmr_ensemble.average_constraint_violations_per_residue     ? 
_pdbx_nmr_ensemble.maximum_distance_constraint_violation         ? 
_pdbx_nmr_ensemble.average_distance_constraint_violation         ? 
_pdbx_nmr_ensemble.maximum_upper_distance_constraint_violation   ? 
_pdbx_nmr_ensemble.maximum_lower_distance_constraint_violation   ? 
_pdbx_nmr_ensemble.distance_constraint_violation_method          ? 
_pdbx_nmr_ensemble.maximum_torsion_angle_constraint_violation    ? 
_pdbx_nmr_ensemble.average_torsion_angle_constraint_violation    ? 
_pdbx_nmr_ensemble.torsion_angle_constraint_violation_method     ? 
# 
_pdbx_nmr_refine.entry_id           170D 
_pdbx_nmr_refine.method             'MOLECULAR DYNAMICS, MATRIX RELAXATION' 
_pdbx_nmr_refine.details            
;STRUCTURES WERE GENERATED IN THE FOLLOWING MANNER: RESTRAINED MOLECULAR DYNAMICS WAS PERFORMED WITH EXPERIMENTAL DISTANCE AND DIHEDRAL RESTRAINTS GENERATED FROM NOESY AND COSY NMR DATA. THREE STRUCTURES WERE GENERATED STARTING FROM CANONICAL A-TYPE DNA AND THREE STRUCTURES STARTING FROM CANONICAL B-TYPE DNA. FOR BOTH CONTROL AND ARAC STRUCTURES, THE RMSD OF THE SIX STRUCTURES WAS < 0.7 ANGSTROM. THE SIX STRUCTURES WERE AVERAGED, MINIMIZED AND REFINED USING RELAXATION MATRIX REFINEMENT IN A DYNAMICAL SIMULATED ANNEALING PROTOCOL. THE X-PLOR DISTANCE CONSTRAINT AND SUGAR DIHEDRAL CONSTRAINT TABLES USED IN THE RESTRAINED MOLECULAR DYNAMICS CALCULATIONS FOR THE ARAC-CONTAINING DODECAMER ARE AVAILABLE FROM THE PROTEIN DATA BANK AS A SEPARATE ENTRY.
;
_pdbx_nmr_refine.software_ordinal   1 
# 
_pdbx_nmr_software.name             X-PLOR 
_pdbx_nmr_software.version          ? 
_pdbx_nmr_software.classification   refinement 
_pdbx_nmr_software.authors          BRUNGER 
_pdbx_nmr_software.ordinal          1 
# 
loop_
_chem_comp_atom.comp_id 
_chem_comp_atom.atom_id 
_chem_comp_atom.type_symbol 
_chem_comp_atom.pdbx_aromatic_flag 
_chem_comp_atom.pdbx_stereo_config 
_chem_comp_atom.pdbx_ordinal 
CAR P      P N N 1   
CAR OP1    O N N 2   
CAR OP2    O N N 3   
CAR OP3    O N N 4   
CAR "O5'"  O N N 5   
CAR "C5'"  C N N 6   
CAR "C4'"  C N R 7   
CAR "O4'"  O N N 8   
CAR "C3'"  C N S 9   
CAR "O3'"  O N N 10  
CAR "C2'"  C N S 11  
CAR "O2'"  O N N 12  
CAR "C1'"  C N R 13  
CAR N1     N N N 14  
CAR C2     C N N 15  
CAR O2     O N N 16  
CAR N3     N N N 17  
CAR C4     C N N 18  
CAR N4     N N N 19  
CAR C5     C N N 20  
CAR C6     C N N 21  
CAR HOP2   H N N 22  
CAR HOP3   H N N 23  
CAR "H5'"  H N N 24  
CAR "H5''" H N N 25  
CAR "H4'"  H N N 26  
CAR "H3'"  H N N 27  
CAR "HO3'" H N N 28  
CAR "H2'"  H N N 29  
CAR "HO2'" H N N 30  
CAR "H1'"  H N N 31  
CAR HN41   H N N 32  
CAR HN42   H N N 33  
CAR H5     H N N 34  
CAR H6     H N N 35  
DA  OP3    O N N 36  
DA  P      P N N 37  
DA  OP1    O N N 38  
DA  OP2    O N N 39  
DA  "O5'"  O N N 40  
DA  "C5'"  C N N 41  
DA  "C4'"  C N R 42  
DA  "O4'"  O N N 43  
DA  "C3'"  C N S 44  
DA  "O3'"  O N N 45  
DA  "C2'"  C N N 46  
DA  "C1'"  C N R 47  
DA  N9     N Y N 48  
DA  C8     C Y N 49  
DA  N7     N Y N 50  
DA  C5     C Y N 51  
DA  C6     C Y N 52  
DA  N6     N N N 53  
DA  N1     N Y N 54  
DA  C2     C Y N 55  
DA  N3     N Y N 56  
DA  C4     C Y N 57  
DA  HOP3   H N N 58  
DA  HOP2   H N N 59  
DA  "H5'"  H N N 60  
DA  "H5''" H N N 61  
DA  "H4'"  H N N 62  
DA  "H3'"  H N N 63  
DA  "HO3'" H N N 64  
DA  "H2'"  H N N 65  
DA  "H2''" H N N 66  
DA  "H1'"  H N N 67  
DA  H8     H N N 68  
DA  H61    H N N 69  
DA  H62    H N N 70  
DA  H2     H N N 71  
DC  OP3    O N N 72  
DC  P      P N N 73  
DC  OP1    O N N 74  
DC  OP2    O N N 75  
DC  "O5'"  O N N 76  
DC  "C5'"  C N N 77  
DC  "C4'"  C N R 78  
DC  "O4'"  O N N 79  
DC  "C3'"  C N S 80  
DC  "O3'"  O N N 81  
DC  "C2'"  C N N 82  
DC  "C1'"  C N R 83  
DC  N1     N N N 84  
DC  C2     C N N 85  
DC  O2     O N N 86  
DC  N3     N N N 87  
DC  C4     C N N 88  
DC  N4     N N N 89  
DC  C5     C N N 90  
DC  C6     C N N 91  
DC  HOP3   H N N 92  
DC  HOP2   H N N 93  
DC  "H5'"  H N N 94  
DC  "H5''" H N N 95  
DC  "H4'"  H N N 96  
DC  "H3'"  H N N 97  
DC  "HO3'" H N N 98  
DC  "H2'"  H N N 99  
DC  "H2''" H N N 100 
DC  "H1'"  H N N 101 
DC  H41    H N N 102 
DC  H42    H N N 103 
DC  H5     H N N 104 
DC  H6     H N N 105 
DG  OP3    O N N 106 
DG  P      P N N 107 
DG  OP1    O N N 108 
DG  OP2    O N N 109 
DG  "O5'"  O N N 110 
DG  "C5'"  C N N 111 
DG  "C4'"  C N R 112 
DG  "O4'"  O N N 113 
DG  "C3'"  C N S 114 
DG  "O3'"  O N N 115 
DG  "C2'"  C N N 116 
DG  "C1'"  C N R 117 
DG  N9     N Y N 118 
DG  C8     C Y N 119 
DG  N7     N Y N 120 
DG  C5     C Y N 121 
DG  C6     C N N 122 
DG  O6     O N N 123 
DG  N1     N N N 124 
DG  C2     C N N 125 
DG  N2     N N N 126 
DG  N3     N N N 127 
DG  C4     C Y N 128 
DG  HOP3   H N N 129 
DG  HOP2   H N N 130 
DG  "H5'"  H N N 131 
DG  "H5''" H N N 132 
DG  "H4'"  H N N 133 
DG  "H3'"  H N N 134 
DG  "HO3'" H N N 135 
DG  "H2'"  H N N 136 
DG  "H2''" H N N 137 
DG  "H1'"  H N N 138 
DG  H8     H N N 139 
DG  H1     H N N 140 
DG  H21    H N N 141 
DG  H22    H N N 142 
DT  OP3    O N N 143 
DT  P      P N N 144 
DT  OP1    O N N 145 
DT  OP2    O N N 146 
DT  "O5'"  O N N 147 
DT  "C5'"  C N N 148 
DT  "C4'"  C N R 149 
DT  "O4'"  O N N 150 
DT  "C3'"  C N S 151 
DT  "O3'"  O N N 152 
DT  "C2'"  C N N 153 
DT  "C1'"  C N R 154 
DT  N1     N N N 155 
DT  C2     C N N 156 
DT  O2     O N N 157 
DT  N3     N N N 158 
DT  C4     C N N 159 
DT  O4     O N N 160 
DT  C5     C N N 161 
DT  C7     C N N 162 
DT  C6     C N N 163 
DT  HOP3   H N N 164 
DT  HOP2   H N N 165 
DT  "H5'"  H N N 166 
DT  "H5''" H N N 167 
DT  "H4'"  H N N 168 
DT  "H3'"  H N N 169 
DT  "HO3'" H N N 170 
DT  "H2'"  H N N 171 
DT  "H2''" H N N 172 
DT  "H1'"  H N N 173 
DT  H3     H N N 174 
DT  H71    H N N 175 
DT  H72    H N N 176 
DT  H73    H N N 177 
DT  H6     H N N 178 
# 
loop_
_chem_comp_bond.comp_id 
_chem_comp_bond.atom_id_1 
_chem_comp_bond.atom_id_2 
_chem_comp_bond.value_order 
_chem_comp_bond.pdbx_aromatic_flag 
_chem_comp_bond.pdbx_stereo_config 
_chem_comp_bond.pdbx_ordinal 
CAR P     OP1    doub N N 1   
CAR P     OP2    sing N N 2   
CAR P     OP3    sing N N 3   
CAR P     "O5'"  sing N N 4   
CAR OP2   HOP2   sing N N 5   
CAR OP3   HOP3   sing N N 6   
CAR "O5'" "C5'"  sing N N 7   
CAR "C5'" "C4'"  sing N N 8   
CAR "C5'" "H5'"  sing N N 9   
CAR "C5'" "H5''" sing N N 10  
CAR "C4'" "O4'"  sing N N 11  
CAR "C4'" "C3'"  sing N N 12  
CAR "C4'" "H4'"  sing N N 13  
CAR "O4'" "C1'"  sing N N 14  
CAR "C3'" "O3'"  sing N N 15  
CAR "C3'" "C2'"  sing N N 16  
CAR "C3'" "H3'"  sing N N 17  
CAR "O3'" "HO3'" sing N N 18  
CAR "C2'" "O2'"  sing N N 19  
CAR "C2'" "C1'"  sing N N 20  
CAR "C2'" "H2'"  sing N N 21  
CAR "O2'" "HO2'" sing N N 22  
CAR "C1'" N1     sing N N 23  
CAR "C1'" "H1'"  sing N N 24  
CAR N1    C2     sing N N 25  
CAR N1    C6     sing N N 26  
CAR C2    O2     doub N N 27  
CAR C2    N3     sing N N 28  
CAR N3    C4     doub N N 29  
CAR C4    N4     sing N N 30  
CAR C4    C5     sing N N 31  
CAR N4    HN41   sing N N 32  
CAR N4    HN42   sing N N 33  
CAR C5    C6     doub N N 34  
CAR C5    H5     sing N N 35  
CAR C6    H6     sing N N 36  
DA  OP3   P      sing N N 37  
DA  OP3   HOP3   sing N N 38  
DA  P     OP1    doub N N 39  
DA  P     OP2    sing N N 40  
DA  P     "O5'"  sing N N 41  
DA  OP2   HOP2   sing N N 42  
DA  "O5'" "C5'"  sing N N 43  
DA  "C5'" "C4'"  sing N N 44  
DA  "C5'" "H5'"  sing N N 45  
DA  "C5'" "H5''" sing N N 46  
DA  "C4'" "O4'"  sing N N 47  
DA  "C4'" "C3'"  sing N N 48  
DA  "C4'" "H4'"  sing N N 49  
DA  "O4'" "C1'"  sing N N 50  
DA  "C3'" "O3'"  sing N N 51  
DA  "C3'" "C2'"  sing N N 52  
DA  "C3'" "H3'"  sing N N 53  
DA  "O3'" "HO3'" sing N N 54  
DA  "C2'" "C1'"  sing N N 55  
DA  "C2'" "H2'"  sing N N 56  
DA  "C2'" "H2''" sing N N 57  
DA  "C1'" N9     sing N N 58  
DA  "C1'" "H1'"  sing N N 59  
DA  N9    C8     sing Y N 60  
DA  N9    C4     sing Y N 61  
DA  C8    N7     doub Y N 62  
DA  C8    H8     sing N N 63  
DA  N7    C5     sing Y N 64  
DA  C5    C6     sing Y N 65  
DA  C5    C4     doub Y N 66  
DA  C6    N6     sing N N 67  
DA  C6    N1     doub Y N 68  
DA  N6    H61    sing N N 69  
DA  N6    H62    sing N N 70  
DA  N1    C2     sing Y N 71  
DA  C2    N3     doub Y N 72  
DA  C2    H2     sing N N 73  
DA  N3    C4     sing Y N 74  
DC  OP3   P      sing N N 75  
DC  OP3   HOP3   sing N N 76  
DC  P     OP1    doub N N 77  
DC  P     OP2    sing N N 78  
DC  P     "O5'"  sing N N 79  
DC  OP2   HOP2   sing N N 80  
DC  "O5'" "C5'"  sing N N 81  
DC  "C5'" "C4'"  sing N N 82  
DC  "C5'" "H5'"  sing N N 83  
DC  "C5'" "H5''" sing N N 84  
DC  "C4'" "O4'"  sing N N 85  
DC  "C4'" "C3'"  sing N N 86  
DC  "C4'" "H4'"  sing N N 87  
DC  "O4'" "C1'"  sing N N 88  
DC  "C3'" "O3'"  sing N N 89  
DC  "C3'" "C2'"  sing N N 90  
DC  "C3'" "H3'"  sing N N 91  
DC  "O3'" "HO3'" sing N N 92  
DC  "C2'" "C1'"  sing N N 93  
DC  "C2'" "H2'"  sing N N 94  
DC  "C2'" "H2''" sing N N 95  
DC  "C1'" N1     sing N N 96  
DC  "C1'" "H1'"  sing N N 97  
DC  N1    C2     sing N N 98  
DC  N1    C6     sing N N 99  
DC  C2    O2     doub N N 100 
DC  C2    N3     sing N N 101 
DC  N3    C4     doub N N 102 
DC  C4    N4     sing N N 103 
DC  C4    C5     sing N N 104 
DC  N4    H41    sing N N 105 
DC  N4    H42    sing N N 106 
DC  C5    C6     doub N N 107 
DC  C5    H5     sing N N 108 
DC  C6    H6     sing N N 109 
DG  OP3   P      sing N N 110 
DG  OP3   HOP3   sing N N 111 
DG  P     OP1    doub N N 112 
DG  P     OP2    sing N N 113 
DG  P     "O5'"  sing N N 114 
DG  OP2   HOP2   sing N N 115 
DG  "O5'" "C5'"  sing N N 116 
DG  "C5'" "C4'"  sing N N 117 
DG  "C5'" "H5'"  sing N N 118 
DG  "C5'" "H5''" sing N N 119 
DG  "C4'" "O4'"  sing N N 120 
DG  "C4'" "C3'"  sing N N 121 
DG  "C4'" "H4'"  sing N N 122 
DG  "O4'" "C1'"  sing N N 123 
DG  "C3'" "O3'"  sing N N 124 
DG  "C3'" "C2'"  sing N N 125 
DG  "C3'" "H3'"  sing N N 126 
DG  "O3'" "HO3'" sing N N 127 
DG  "C2'" "C1'"  sing N N 128 
DG  "C2'" "H2'"  sing N N 129 
DG  "C2'" "H2''" sing N N 130 
DG  "C1'" N9     sing N N 131 
DG  "C1'" "H1'"  sing N N 132 
DG  N9    C8     sing Y N 133 
DG  N9    C4     sing Y N 134 
DG  C8    N7     doub Y N 135 
DG  C8    H8     sing N N 136 
DG  N7    C5     sing Y N 137 
DG  C5    C6     sing N N 138 
DG  C5    C4     doub Y N 139 
DG  C6    O6     doub N N 140 
DG  C6    N1     sing N N 141 
DG  N1    C2     sing N N 142 
DG  N1    H1     sing N N 143 
DG  C2    N2     sing N N 144 
DG  C2    N3     doub N N 145 
DG  N2    H21    sing N N 146 
DG  N2    H22    sing N N 147 
DG  N3    C4     sing N N 148 
DT  OP3   P      sing N N 149 
DT  OP3   HOP3   sing N N 150 
DT  P     OP1    doub N N 151 
DT  P     OP2    sing N N 152 
DT  P     "O5'"  sing N N 153 
DT  OP2   HOP2   sing N N 154 
DT  "O5'" "C5'"  sing N N 155 
DT  "C5'" "C4'"  sing N N 156 
DT  "C5'" "H5'"  sing N N 157 
DT  "C5'" "H5''" sing N N 158 
DT  "C4'" "O4'"  sing N N 159 
DT  "C4'" "C3'"  sing N N 160 
DT  "C4'" "H4'"  sing N N 161 
DT  "O4'" "C1'"  sing N N 162 
DT  "C3'" "O3'"  sing N N 163 
DT  "C3'" "C2'"  sing N N 164 
DT  "C3'" "H3'"  sing N N 165 
DT  "O3'" "HO3'" sing N N 166 
DT  "C2'" "C1'"  sing N N 167 
DT  "C2'" "H2'"  sing N N 168 
DT  "C2'" "H2''" sing N N 169 
DT  "C1'" N1     sing N N 170 
DT  "C1'" "H1'"  sing N N 171 
DT  N1    C2     sing N N 172 
DT  N1    C6     sing N N 173 
DT  C2    O2     doub N N 174 
DT  C2    N3     sing N N 175 
DT  N3    C4     sing N N 176 
DT  N3    H3     sing N N 177 
DT  C4    O4     doub N N 178 
DT  C4    C5     sing N N 179 
DT  C5    C7     sing N N 180 
DT  C5    C6     doub N N 181 
DT  C7    H71    sing N N 182 
DT  C7    H72    sing N N 183 
DT  C7    H73    sing N N 184 
DT  C6    H6     sing N N 185 
# 
loop_
_ndb_struct_conf_na.entry_id 
_ndb_struct_conf_na.feature 
170D 'double helix'        
170D 'b-form double helix' 
# 
loop_
_ndb_struct_na_base_pair.model_number 
_ndb_struct_na_base_pair.i_label_asym_id 
_ndb_struct_na_base_pair.i_label_comp_id 
_ndb_struct_na_base_pair.i_label_seq_id 
_ndb_struct_na_base_pair.i_symmetry 
_ndb_struct_na_base_pair.j_label_asym_id 
_ndb_struct_na_base_pair.j_label_comp_id 
_ndb_struct_na_base_pair.j_label_seq_id 
_ndb_struct_na_base_pair.j_symmetry 
_ndb_struct_na_base_pair.shear 
_ndb_struct_na_base_pair.stretch 
_ndb_struct_na_base_pair.stagger 
_ndb_struct_na_base_pair.buckle 
_ndb_struct_na_base_pair.propeller 
_ndb_struct_na_base_pair.opening 
_ndb_struct_na_base_pair.pair_number 
_ndb_struct_na_base_pair.pair_name 
_ndb_struct_na_base_pair.i_auth_asym_id 
_ndb_struct_na_base_pair.i_auth_seq_id 
_ndb_struct_na_base_pair.i_PDB_ins_code 
_ndb_struct_na_base_pair.j_auth_asym_id 
_ndb_struct_na_base_pair.j_auth_seq_id 
_ndb_struct_na_base_pair.j_PDB_ins_code 
_ndb_struct_na_base_pair.hbond_type_28 
_ndb_struct_na_base_pair.hbond_type_12 
1 A DC  1  1_555 B DG  12 1_555 0.627  -0.252 -0.565 -5.740 -3.383  -0.631 1  A_DC1:DG24_B  A 1  ? B 24 ? 19 1 
1 A DG  2  1_555 B DC  11 1_555 0.178  0.101  -0.593 -0.157 -7.453  6.927  2  A_DG2:DC23_B  A 2  ? B 23 ? 19 1 
1 A DC  3  1_555 B DG  10 1_555 0.243  0.019  -0.635 2.239  -11.440 3.300  3  A_DC3:DG22_B  A 3  ? B 22 ? 19 1 
1 A DG  4  1_555 B CAR 9  1_555 -0.792 -0.008 -0.155 2.482  -5.294  3.014  4  A_DG4:CAR21_B A 4  ? B 21 ? 19 1 
1 A DA  5  1_555 B DT  8  1_555 0.785  0.198  -0.255 -3.614 3.250   -6.570 5  A_DA5:DT20_B  A 5  ? B 20 ? 20 1 
1 A DA  6  1_555 B DT  7  1_555 0.769  -0.004 -0.506 4.306  -20.805 0.440  6  A_DA6:DT19_B  A 6  ? B 19 ? 20 1 
1 A DT  7  1_555 B DA  6  1_555 -0.510 -0.066 -0.492 -4.273 -20.976 0.444  7  A_DT7:DA18_B  A 7  ? B 18 ? 20 1 
1 A DT  8  1_555 B DA  5  1_555 -0.607 0.003  -0.279 3.625  3.265   -6.551 8  A_DT8:DA17_B  A 8  ? B 17 ? 20 1 
1 A CAR 9  1_555 B DG  4  1_555 0.830  -0.270 -0.174 -2.439 -5.457  2.983  9  A_CAR9:DG16_B A 9  ? B 16 ? 19 1 
1 A DG  10 1_555 B DC  3  1_555 -0.317 -0.233 -0.635 -2.216 -11.236 3.341  10 A_DG10:DC15_B A 10 ? B 15 ? 19 1 
1 A DC  11 1_555 B DG  2  1_555 -0.382 -0.071 -0.609 0.194  -7.459  6.975  11 A_DC11:DG14_B A 11 ? B 14 ? 19 1 
1 A DG  12 1_555 B DC  1  1_555 -0.877 -0.297 -0.494 5.673  -3.471  -0.662 12 A_DG12:DC13_B A 12 ? B 13 ? 19 1 
# 
loop_
_ndb_struct_na_base_pair_step.model_number 
_ndb_struct_na_base_pair_step.i_label_asym_id_1 
_ndb_struct_na_base_pair_step.i_label_comp_id_1 
_ndb_struct_na_base_pair_step.i_label_seq_id_1 
_ndb_struct_na_base_pair_step.i_symmetry_1 
_ndb_struct_na_base_pair_step.j_label_asym_id_1 
_ndb_struct_na_base_pair_step.j_label_comp_id_1 
_ndb_struct_na_base_pair_step.j_label_seq_id_1 
_ndb_struct_na_base_pair_step.j_symmetry_1 
_ndb_struct_na_base_pair_step.i_label_asym_id_2 
_ndb_struct_na_base_pair_step.i_label_comp_id_2 
_ndb_struct_na_base_pair_step.i_label_seq_id_2 
_ndb_struct_na_base_pair_step.i_symmetry_2 
_ndb_struct_na_base_pair_step.j_label_asym_id_2 
_ndb_struct_na_base_pair_step.j_label_comp_id_2 
_ndb_struct_na_base_pair_step.j_label_seq_id_2 
_ndb_struct_na_base_pair_step.j_symmetry_2 
_ndb_struct_na_base_pair_step.shift 
_ndb_struct_na_base_pair_step.slide 
_ndb_struct_na_base_pair_step.rise 
_ndb_struct_na_base_pair_step.tilt 
_ndb_struct_na_base_pair_step.roll 
_ndb_struct_na_base_pair_step.twist 
_ndb_struct_na_base_pair_step.x_displacement 
_ndb_struct_na_base_pair_step.y_displacement 
_ndb_struct_na_base_pair_step.helical_rise 
_ndb_struct_na_base_pair_step.inclination 
_ndb_struct_na_base_pair_step.tip 
_ndb_struct_na_base_pair_step.helical_twist 
_ndb_struct_na_base_pair_step.step_number 
_ndb_struct_na_base_pair_step.step_name 
_ndb_struct_na_base_pair_step.i_auth_asym_id_1 
_ndb_struct_na_base_pair_step.i_auth_seq_id_1 
_ndb_struct_na_base_pair_step.i_PDB_ins_code_1 
_ndb_struct_na_base_pair_step.j_auth_asym_id_1 
_ndb_struct_na_base_pair_step.j_auth_seq_id_1 
_ndb_struct_na_base_pair_step.j_PDB_ins_code_1 
_ndb_struct_na_base_pair_step.i_auth_asym_id_2 
_ndb_struct_na_base_pair_step.i_auth_seq_id_2 
_ndb_struct_na_base_pair_step.i_PDB_ins_code_2 
_ndb_struct_na_base_pair_step.j_auth_asym_id_2 
_ndb_struct_na_base_pair_step.j_auth_seq_id_2 
_ndb_struct_na_base_pair_step.j_PDB_ins_code_2 
1 A DC  1  1_555 B DG  12 1_555 A DG  2  1_555 B DC  11 1_555 0.279  -0.578 5.044 -1.544 -19.978 30.882 3.476  -0.783 4.564 
-33.467 2.586  36.680 1  AA_DC1DG2:DC23DG24_BB   A 1  ? B 24 ? A 2  ? B 23 ? 
1 A DG  2  1_555 B DC  11 1_555 A DC  3  1_555 B DG  10 1_555 -0.425 -1.101 2.823 0.004  4.389   33.666 -2.477 0.728  2.663 7.538 
-0.006 33.943 2  AA_DG2DC3:DG22DC23_BB   A 2  ? B 23 ? A 3  ? B 22 ? 
1 A DC  3  1_555 B DG  10 1_555 A DG  4  1_555 B CAR 9  1_555 0.404  -0.822 3.982 -2.986 3.617   24.929 -3.119 -1.949 3.753 8.286 
6.840  25.359 3  AA_DC3DG4:CAR21DG22_BB  A 3  ? B 22 ? A 4  ? B 21 ? 
1 A DG  4  1_555 B CAR 9  1_555 A DA  5  1_555 B DT  8  1_555 0.036  -1.546 3.060 1.757  6.552   33.578 -3.547 0.185  2.718 11.199 
-3.004 34.237 4  AA_DG4DA5:DT20CAR21_BB  A 4  ? B 21 ? A 5  ? B 20 ? 
1 A DA  5  1_555 B DT  8  1_555 A DA  6  1_555 B DT  7  1_555 0.026  -0.737 3.319 3.949  -6.601  34.795 -0.209 0.552  3.381 
-10.873 -6.506 35.610 5  AA_DA5DA6:DT19DT20_BB   A 5  ? B 20 ? A 6  ? B 19 ? 
1 A DA  6  1_555 B DT  7  1_555 A DT  7  1_555 B DA  6  1_555 0.002  -1.186 2.940 0.029  6.682   26.867 -3.867 0.001  2.575 14.106 
-0.061 27.670 6  AA_DA6DT7:DA18DT19_BB   A 6  ? B 19 ? A 7  ? B 18 ? 
1 A DT  7  1_555 B DA  6  1_555 A DT  8  1_555 B DA  5  1_555 -0.022 -0.736 3.319 -3.897 -6.555  34.810 -0.216 -0.551 3.381 
-10.797 6.419  35.611 7  AA_DT7DT8:DA17DA18_BB   A 7  ? B 18 ? A 8  ? B 17 ? 
1 A DT  8  1_555 B DA  5  1_555 A CAR 9  1_555 B DG  4  1_555 -0.034 -1.546 3.062 -1.709 6.535   33.539 -3.550 -0.182 2.719 11.184 
2.924  34.193 8  AA_DT8CAR9:DG16DA17_BB  A 8  ? B 17 ? A 9  ? B 16 ? 
1 A CAR 9  1_555 B DG  4  1_555 A DG  10 1_555 B DC  3  1_555 -0.397 -0.821 3.982 2.945  3.644   24.953 -3.124 1.916  3.754 8.339 
-6.739 25.383 9  AA_CAR9DG10:DC15DG16_BB A 9  ? B 16 ? A 10 ? B 15 ? 
1 A DG  10 1_555 B DC  3  1_555 A DC  11 1_555 B DG  2  1_555 0.426  -1.101 2.824 0.099  4.423   33.656 -2.483 -0.716 2.663 7.597 
-0.170 33.937 10 AA_DG10DC11:DG14DC15_BB A 10 ? B 15 ? A 11 ? B 14 ? 
1 A DC  11 1_555 B DG  2  1_555 A DG  12 1_555 B DC  1  1_555 -0.280 -0.576 5.047 1.524  -19.921 30.887 3.474  0.781  4.568 
-33.386 -2.553 36.653 11 AA_DC11DG12:DC13DG14_BB A 11 ? B 14 ? A 12 ? B 13 ? 
# 
_atom_sites.entry_id                    170D 
_atom_sites.fract_transf_matrix[1][1]   1.000000 
_atom_sites.fract_transf_matrix[1][2]   0.000000 
_atom_sites.fract_transf_matrix[1][3]   0.000000 
_atom_sites.fract_transf_matrix[2][1]   0.000000 
_atom_sites.fract_transf_matrix[2][2]   1.000000 
_atom_sites.fract_transf_matrix[2][3]   0.000000 
_atom_sites.fract_transf_matrix[3][1]   0.000000 
_atom_sites.fract_transf_matrix[3][2]   0.000000 
_atom_sites.fract_transf_matrix[3][3]   1.000000 
_atom_sites.fract_transf_vector[1]      0.00000 
_atom_sites.fract_transf_vector[2]      0.00000 
_atom_sites.fract_transf_vector[3]      0.00000 
# 
loop_
_atom_type.symbol 
C 
H 
N 
O 
P 
# 
loop_
_atom_site.group_PDB 
_atom_site.id 
_atom_site.type_symbol 
_atom_site.label_atom_id 
_atom_site.label_alt_id 
_atom_site.label_comp_id 
_atom_site.label_asym_id 
_atom_site.label_entity_id 
_atom_site.label_seq_id 
_atom_site.pdbx_PDB_ins_code 
_atom_site.Cartn_x 
_atom_site.Cartn_y 
_atom_site.Cartn_z 
_atom_site.occupancy 
_atom_site.B_iso_or_equiv 
_atom_site.pdbx_formal_charge 
_atom_site.auth_seq_id 
_atom_site.auth_comp_id 
_atom_site.auth_asym_id 
_atom_site.auth_atom_id 
_atom_site.pdbx_PDB_model_num 
ATOM   1   O "O5'"  . DC  A 1 1  ? 0.111   -21.904 7.603   1.00 0.45 ? 1  DC  A "O5'"  1 
ATOM   2   C "C5'"  . DC  A 1 1  ? 0.488   -20.633 7.157   1.00 0.48 ? 1  DC  A "C5'"  1 
ATOM   3   C "C4'"  . DC  A 1 1  ? -0.153  -20.344 5.805   1.00 0.43 ? 1  DC  A "C4'"  1 
ATOM   4   O "O4'"  . DC  A 1 1  ? -1.587  -20.352 5.925   1.00 0.41 ? 1  DC  A "O4'"  1 
ATOM   5   C "C3'"  . DC  A 1 1  ? 0.199   -18.941 5.361   1.00 0.39 ? 1  DC  A "C3'"  1 
ATOM   6   O "O3'"  . DC  A 1 1  ? 1.146   -19.039 4.290   1.00 0.40 ? 1  DC  A "O3'"  1 
ATOM   7   C "C2'"  . DC  A 1 1  ? -1.120  -18.274 4.823   1.00 0.34 ? 1  DC  A "C2'"  1 
ATOM   8   C "C1'"  . DC  A 1 1  ? -2.121  -19.440 4.930   1.00 0.36 ? 1  DC  A "C1'"  1 
ATOM   9   N N1     . DC  A 1 1  ? -3.485  -18.998 5.369   1.00 0.33 ? 1  DC  A N1     1 
ATOM   10  C C2     . DC  A 1 1  ? -4.453  -18.806 4.383   1.00 0.31 ? 1  DC  A C2     1 
ATOM   11  O O2     . DC  A 1 1  ? -4.169  -18.999 3.202   1.00 0.31 ? 1  DC  A O2     1 
ATOM   12  N N3     . DC  A 1 1  ? -5.692  -18.400 4.756   1.00 0.29 ? 1  DC  A N3     1 
ATOM   13  C C4     . DC  A 1 1  ? -5.989  -18.193 6.038   1.00 0.30 ? 1  DC  A C4     1 
ATOM   14  N N4     . DC  A 1 1  ? -7.222  -17.816 6.359   1.00 0.30 ? 1  DC  A N4     1 
ATOM   15  C C5     . DC  A 1 1  ? -5.005  -18.384 7.067   1.00 0.33 ? 1  DC  A C5     1 
ATOM   16  C C6     . DC  A 1 1  ? -3.762  -18.789 6.675   1.00 0.34 ? 1  DC  A C6     1 
ATOM   17  H "H5'"  . DC  A 1 1  ? 1.571   -20.604 7.072   1.00 0.52 ? 1  DC  A "H5'"  1 
ATOM   18  H "H5''" . DC  A 1 1  ? 0.180   -19.906 7.903   1.00 0.55 ? 1  DC  A "H5''" 1 
ATOM   19  H "H4'"  . DC  A 1 1  ? 0.196   -21.085 5.066   1.00 0.44 ? 1  DC  A "H4'"  1 
ATOM   20  H "H3'"  . DC  A 1 1  ? 0.654   -18.379 6.194   1.00 0.41 ? 1  DC  A "H3'"  1 
ATOM   21  H "H2'"  . DC  A 1 1  ? -1.458  -17.425 5.445   1.00 0.33 ? 1  DC  A "H2'"  1 
ATOM   22  H "H2''" . DC  A 1 1  ? -0.999  -17.931 3.784   1.00 0.32 ? 1  DC  A "H2''" 1 
ATOM   23  H "H1'"  . DC  A 1 1  ? -2.206  -19.959 3.963   1.00 0.36 ? 1  DC  A "H1'"  1 
ATOM   24  H H41    . DC  A 1 1  ? -7.916  -17.683 5.645   1.00 0.28 ? 1  DC  A H41    1 
ATOM   25  H H42    . DC  A 1 1  ? -7.478  -17.658 7.314   1.00 0.32 ? 1  DC  A H42    1 
ATOM   26  H H5     . DC  A 1 1  ? -5.236  -18.213 8.111   1.00 0.34 ? 1  DC  A H5     1 
ATOM   27  H H6     . DC  A 1 1  ? -2.982  -18.923 7.391   1.00 0.36 ? 1  DC  A H6     1 
ATOM   28  H "HO5'" . DC  A 1 1  ? -0.702  -21.836 8.024   1.00 0.93 ? 1  DC  A "HO5'" 1 
ATOM   29  P P      . DG  A 1 2  ? 1.754   -17.696 3.651   1.00 0.38 ? 2  DG  A P      1 
ATOM   30  O OP1    . DG  A 1 2  ? 3.111   -17.961 3.126   1.00 0.42 ? 2  DG  A OP1    1 
ATOM   31  O OP2    . DG  A 1 2  ? 1.642   -16.583 4.624   1.00 0.37 ? 2  DG  A OP2    1 
ATOM   32  O "O5'"  . DG  A 1 2  ? 0.749   -17.447 2.438   1.00 0.37 ? 2  DG  A "O5'"  1 
ATOM   33  C "C5'"  . DG  A 1 2  ? 0.502   -18.518 1.507   1.00 0.40 ? 2  DG  A "C5'"  1 
ATOM   34  C "C4'"  . DG  A 1 2  ? -0.521  -18.098 0.471   1.00 0.37 ? 2  DG  A "C4'"  1 
ATOM   35  O "O4'"  . DG  A 1 2  ? -1.662  -17.488 1.115   1.00 0.34 ? 2  DG  A "O4'"  1 
ATOM   36  C "C3'"  . DG  A 1 2  ? 0.071   -17.040 -0.419  1.00 0.35 ? 2  DG  A "C3'"  1 
ATOM   37  O "O3'"  . DG  A 1 2  ? -0.346  -17.303 -1.764  1.00 0.35 ? 2  DG  A "O3'"  1 
ATOM   38  C "C2'"  . DG  A 1 2  ? -0.489  -15.713 0.045   1.00 0.31 ? 2  DG  A "C2'"  1 
ATOM   39  C "C1'"  . DG  A 1 2  ? -1.852  -16.171 0.549   1.00 0.30 ? 2  DG  A "C1'"  1 
ATOM   40  N N9     . DG  A 1 2  ? -2.471  -15.296 1.605   1.00 0.27 ? 2  DG  A N9     1 
ATOM   41  C C8     . DG  A 1 2  ? -1.957  -14.841 2.813   1.00 0.26 ? 2  DG  A C8     1 
ATOM   42  N N7     . DG  A 1 2  ? -2.797  -14.099 3.500   1.00 0.24 ? 2  DG  A N7     1 
ATOM   43  C C5     . DG  A 1 2  ? -3.939  -14.057 2.698   1.00 0.22 ? 2  DG  A C5     1 
ATOM   44  C C6     . DG  A 1 2  ? -5.200  -13.405 2.905   1.00 0.19 ? 2  DG  A C6     1 
ATOM   45  O O6     . DG  A 1 2  ? -5.567  -12.711 3.853   1.00 0.18 ? 2  DG  A O6     1 
ATOM   46  N N1     . DG  A 1 2  ? -6.060  -13.626 1.847   1.00 0.18 ? 2  DG  A N1     1 
ATOM   47  C C2     . DG  A 1 2  ? -5.773  -14.376 0.735   1.00 0.20 ? 2  DG  A C2     1 
ATOM   48  N N2     . DG  A 1 2  ? -6.727  -14.477 -0.166  1.00 0.19 ? 2  DG  A N2     1 
ATOM   49  N N3     . DG  A 1 2  ? -4.612  -14.982 0.530   1.00 0.23 ? 2  DG  A N3     1 
ATOM   50  C C4     . DG  A 1 2  ? -3.744  -14.786 1.550   1.00 0.24 ? 2  DG  A C4     1 
ATOM   51  H "H5'"  . DG  A 1 2  ? 0.157   -19.382 2.063   1.00 0.45 ? 2  DG  A "H5'"  1 
ATOM   52  H "H5''" . DG  A 1 2  ? 1.448   -18.765 1.027   1.00 0.45 ? 2  DG  A "H5''" 1 
ATOM   53  H "H4'"  . DG  A 1 2  ? -0.828  -18.958 -0.120  1.00 0.39 ? 2  DG  A "H4'"  1 
ATOM   54  H "H3'"  . DG  A 1 2  ? 1.151   -17.051 -0.361  1.00 0.37 ? 2  DG  A "H3'"  1 
ATOM   55  H "H2'"  . DG  A 1 2  ? 0.114   -15.279 0.841   1.00 0.30 ? 2  DG  A "H2'"  1 
ATOM   56  H "H2''" . DG  A 1 2  ? -0.574  -15.013 -0.774  1.00 0.29 ? 2  DG  A "H2''" 1 
ATOM   57  H "H1'"  . DG  A 1 2  ? -2.538  -16.241 -0.314  1.00 0.30 ? 2  DG  A "H1'"  1 
ATOM   58  H H8     . DG  A 1 2  ? -0.962  -15.081 3.162   1.00 0.28 ? 2  DG  A H8     1 
ATOM   59  H H1     . DG  A 1 2  ? -6.945  -13.202 1.894   1.00 0.16 ? 2  DG  A H1     1 
ATOM   60  H H21    . DG  A 1 2  ? -7.604  -14.019 -0.030  1.00 0.17 ? 2  DG  A H21    1 
ATOM   61  H H22    . DG  A 1 2  ? -6.582  -15.007 -1.000  1.00 0.21 ? 2  DG  A H22    1 
ATOM   62  P P      . DC  A 1 3  ? 0.365   -16.562 -2.990  1.00 0.35 ? 3  DC  A P      1 
ATOM   63  O OP1    . DC  A 1 3  ? 0.765   -17.562 -4.006  1.00 0.38 ? 3  DC  A OP1    1 
ATOM   64  O OP2    . DC  A 1 3  ? 1.448   -15.678 -2.498  1.00 0.37 ? 3  DC  A OP2    1 
ATOM   65  O "O5'"  . DC  A 1 3  ? -0.844  -15.669 -3.548  1.00 0.31 ? 3  DC  A "O5'"  1 
ATOM   66  C "C5'"  . DC  A 1 3  ? -2.048  -16.322 -4.002  1.00 0.30 ? 3  DC  A "C5'"  1 
ATOM   67  C "C4'"  . DC  A 1 3  ? -3.152  -15.297 -4.249  1.00 0.26 ? 3  DC  A "C4'"  1 
ATOM   68  O "O4'"  . DC  A 1 3  ? -3.626  -14.776 -2.996  1.00 0.23 ? 3  DC  A "O4'"  1 
ATOM   69  C "C3'"  . DC  A 1 3  ? -2.622  -14.103 -5.023  1.00 0.27 ? 3  DC  A "C3'"  1 
ATOM   70  O "O3'"  . DC  A 1 3  ? -3.334  -14.015 -6.259  1.00 0.26 ? 3  DC  A "O3'"  1 
ATOM   71  C "C2'"  . DC  A 1 3  ? -2.883  -12.853 -4.173  1.00 0.24 ? 3  DC  A "C2'"  1 
ATOM   72  C "C1'"  . DC  A 1 3  ? -3.924  -13.390 -3.189  1.00 0.21 ? 3  DC  A "C1'"  1 
ATOM   73  N N1     . DC  A 1 3  ? -3.902  -12.718 -1.852  1.00 0.20 ? 3  DC  A N1     1 
ATOM   74  C C2     . DC  A 1 3  ? -5.073  -12.095 -1.411  1.00 0.16 ? 3  DC  A C2     1 
ATOM   75  O O2     . DC  A 1 3  ? -6.069  -12.079 -2.134  1.00 0.15 ? 3  DC  A O2     1 
ATOM   76  N N3     . DC  A 1 3  ? -5.078  -11.516 -0.182  1.00 0.15 ? 3  DC  A N3     1 
ATOM   77  C C4     . DC  A 1 3  ? -3.992  -11.538 0.593   1.00 0.18 ? 3  DC  A C4     1 
ATOM   78  N N4     . DC  A 1 3  ? -4.055  -10.985 1.803   1.00 0.17 ? 3  DC  A N4     1 
ATOM   79  C C5     . DC  A 1 3  ? -2.779  -12.172 0.150   1.00 0.21 ? 3  DC  A C5     1 
ATOM   80  C C6     . DC  A 1 3  ? -2.791  -12.743 -1.087  1.00 0.22 ? 3  DC  A C6     1 
ATOM   81  H "H5'"  . DC  A 1 3  ? -2.355  -17.042 -3.241  1.00 0.30 ? 3  DC  A "H5'"  1 
ATOM   82  H "H5''" . DC  A 1 3  ? -1.813  -16.863 -4.922  1.00 0.32 ? 3  DC  A "H5''" 1 
ATOM   83  H "H4'"  . DC  A 1 3  ? -3.969  -15.755 -4.805  1.00 0.25 ? 3  DC  A "H4'"  1 
ATOM   84  H "H3'"  . DC  A 1 3  ? -1.557  -14.218 -5.222  1.00 0.30 ? 3  DC  A "H3'"  1 
ATOM   85  H "H2'"  . DC  A 1 3  ? -1.980  -12.522 -3.655  1.00 0.26 ? 3  DC  A "H2'"  1 
ATOM   86  H "H2''" . DC  A 1 3  ? -3.279  -12.036 -4.773  1.00 0.24 ? 3  DC  A "H2''" 1 
ATOM   87  H "H1'"  . DC  A 1 3  ? -4.913  -13.302 -3.624  1.00 0.19 ? 3  DC  A "H1'"  1 
ATOM   88  H H41    . DC  A 1 3  ? -4.899  -10.543 2.120   1.00 0.15 ? 3  DC  A H41    1 
ATOM   89  H H42    . DC  A 1 3  ? -3.261  -11.004 2.413   1.00 0.19 ? 3  DC  A H42    1 
ATOM   90  H H5     . DC  A 1 3  ? -1.891  -12.213 0.771   1.00 0.23 ? 3  DC  A H5     1 
ATOM   91  H H6     . DC  A 1 3  ? -1.907  -13.198 -1.485  1.00 0.25 ? 3  DC  A H6     1 
ATOM   92  P P      . DG  A 1 4  ? -2.888  -12.934 -7.353  1.00 0.28 ? 4  DG  A P      1 
ATOM   93  O OP1    . DG  A 1 4  ? -3.384  -13.341 -8.686  1.00 0.31 ? 4  DG  A OP1    1 
ATOM   94  O OP2    . DG  A 1 4  ? -1.432  -12.693 -7.256  1.00 0.33 ? 4  DG  A OP2    1 
ATOM   95  O "O5'"  . DG  A 1 4  ? -3.680  -11.635 -6.863  1.00 0.23 ? 4  DG  A "O5'"  1 
ATOM   96  C "C5'"  . DG  A 1 4  ? -5.120  -11.693 -6.723  1.00 0.21 ? 4  DG  A "C5'"  1 
ATOM   97  C "C4'"  . DG  A 1 4  ? -5.703  -10.290 -6.669  1.00 0.20 ? 4  DG  A "C4'"  1 
ATOM   98  O "O4'"  . DG  A 1 4  ? -5.710  -9.826  -5.295  1.00 0.18 ? 4  DG  A "O4'"  1 
ATOM   99  C "C3'"  . DG  A 1 4  ? -4.830  -9.313  -7.439  1.00 0.23 ? 4  DG  A "C3'"  1 
ATOM   100 O "O3'"  . DG  A 1 4  ? -5.688  -8.477  -8.249  1.00 0.24 ? 4  DG  A "O3'"  1 
ATOM   101 C "C2'"  . DG  A 1 4  ? -4.089  -8.473  -6.392  1.00 0.22 ? 4  DG  A "C2'"  1 
ATOM   102 C "C1'"  . DG  A 1 4  ? -5.100  -8.516  -5.257  1.00 0.19 ? 4  DG  A "C1'"  1 
ATOM   103 N N9     . DG  A 1 4  ? -4.501  -8.308  -3.905  1.00 0.18 ? 4  DG  A N9     1 
ATOM   104 C C8     . DG  A 1 4  ? -3.275  -8.696  -3.422  1.00 0.18 ? 4  DG  A C8     1 
ATOM   105 N N7     . DG  A 1 4  ? -3.050  -8.336  -2.182  1.00 0.17 ? 4  DG  A N7     1 
ATOM   106 C C5     . DG  A 1 4  ? -4.215  -7.659  -1.819  1.00 0.15 ? 4  DG  A C5     1 
ATOM   107 C C6     . DG  A 1 4  ? -4.573  -7.024  -0.588  1.00 0.13 ? 4  DG  A C6     1 
ATOM   108 O O6     . DG  A 1 4  ? -3.920  -6.933  0.453   1.00 0.12 ? 4  DG  A O6     1 
ATOM   109 N N1     . DG  A 1 4  ? -5.834  -6.456  -0.660  1.00 0.12 ? 4  DG  A N1     1 
ATOM   110 C C2     . DG  A 1 4  ? -6.658  -6.493  -1.760  1.00 0.14 ? 4  DG  A C2     1 
ATOM   111 N N2     . DG  A 1 4  ? -7.833  -5.899  -1.641  1.00 0.16 ? 4  DG  A N2     1 
ATOM   112 N N3     . DG  A 1 4  ? -6.335  -7.078  -2.906  1.00 0.15 ? 4  DG  A N3     1 
ATOM   113 C C4     . DG  A 1 4  ? -5.106  -7.639  -2.867  1.00 0.16 ? 4  DG  A C4     1 
ATOM   114 H "H5'"  . DG  A 1 4  ? -5.345  -12.241 -5.813  1.00 0.19 ? 4  DG  A "H5'"  1 
ATOM   115 H "H5''" . DG  A 1 4  ? -5.525  -12.247 -7.571  1.00 0.22 ? 4  DG  A "H5''" 1 
ATOM   116 H "H4'"  . DG  A 1 4  ? -6.713  -10.289 -7.082  1.00 0.19 ? 4  DG  A "H4'"  1 
ATOM   117 H "H3'"  . DG  A 1 4  ? -4.126  -9.846  -8.078  1.00 0.25 ? 4  DG  A "H3'"  1 
ATOM   118 H "H2'"  . DG  A 1 4  ? -3.140  -8.930  -6.098  1.00 0.23 ? 4  DG  A "H2'"  1 
ATOM   119 H "H2''" . DG  A 1 4  ? -3.911  -7.460  -6.738  1.00 0.24 ? 4  DG  A "H2''" 1 
ATOM   120 H "H1'"  . DG  A 1 4  ? -5.867  -7.761  -5.433  1.00 0.19 ? 4  DG  A "H1'"  1 
ATOM   121 H H8     . DG  A 1 4  ? -2.554  -9.238  -4.019  1.00 0.20 ? 4  DG  A H8     1 
ATOM   122 H H1     . DG  A 1 4  ? -6.155  -5.982  0.140   1.00 0.12 ? 4  DG  A H1     1 
ATOM   123 H H21    . DG  A 1 4  ? -8.094  -5.456  -0.786  1.00 0.15 ? 4  DG  A H21    1 
ATOM   124 H H22    . DG  A 1 4  ? -8.472  -5.892  -2.405  1.00 0.18 ? 4  DG  A H22    1 
ATOM   125 P P      . DA  A 1 5  ? -5.151  -7.079  -8.827  1.00 0.26 ? 5  DA  A P      1 
ATOM   126 O OP1    . DA  A 1 5  ? -5.935  -6.704  -10.025 1.00 0.29 ? 5  DA  A OP1    1 
ATOM   127 O OP2    . DA  A 1 5  ? -3.681  -7.142  -9.014  1.00 0.28 ? 5  DA  A OP2    1 
ATOM   128 O "O5'"  . DA  A 1 5  ? -5.498  -6.086  -7.619  1.00 0.23 ? 5  DA  A "O5'"  1 
ATOM   129 C "C5'"  . DA  A 1 5  ? -6.871  -5.951  -7.191  1.00 0.21 ? 5  DA  A "C5'"  1 
ATOM   130 C "C4'"  . DA  A 1 5  ? -7.026  -4.733  -6.291  1.00 0.19 ? 5  DA  A "C4'"  1 
ATOM   131 O "O4'"  . DA  A 1 5  ? -6.461  -5.015  -4.993  1.00 0.18 ? 5  DA  A "O4'"  1 
ATOM   132 C "C3'"  . DA  A 1 5  ? -6.245  -3.552  -6.842  1.00 0.19 ? 5  DA  A "C3'"  1 
ATOM   133 O "O3'"  . DA  A 1 5  ? -7.145  -2.442  -6.996  1.00 0.20 ? 5  DA  A "O3'"  1 
ATOM   134 C "C2'"  . DA  A 1 5  ? -5.156  -3.223  -5.830  1.00 0.18 ? 5  DA  A "C2'"  1 
ATOM   135 C "C1'"  . DA  A 1 5  ? -5.756  -3.842  -4.571  1.00 0.17 ? 5  DA  A "C1'"  1 
ATOM   136 N N9     . DA  A 1 5  ? -4.742  -4.244  -3.535  1.00 0.16 ? 5  DA  A N9     1 
ATOM   137 C C8     . DA  A 1 5  ? -3.628  -5.071  -3.637  1.00 0.17 ? 5  DA  A C8     1 
ATOM   138 N N7     . DA  A 1 5  ? -2.950  -5.177  -2.524  1.00 0.15 ? 5  DA  A N7     1 
ATOM   139 C C5     . DA  A 1 5  ? -3.657  -4.375  -1.631  1.00 0.14 ? 5  DA  A C5     1 
ATOM   140 C C6     . DA  A 1 5  ? -3.463  -4.057  -0.272  1.00 0.12 ? 5  DA  A C6     1 
ATOM   141 N N6     . DA  A 1 5  ? -2.467  -4.551  0.459   1.00 0.12 ? 5  DA  A N6     1 
ATOM   142 N N1     . DA  A 1 5  ? -4.356  -3.236  0.311   1.00 0.12 ? 5  DA  A N1     1 
ATOM   143 C C2     . DA  A 1 5  ? -5.368  -2.763  -0.424  1.00 0.12 ? 5  DA  A C2     1 
ATOM   144 N N3     . DA  A 1 5  ? -5.645  -2.988  -1.693  1.00 0.14 ? 5  DA  A N3     1 
ATOM   145 C C4     . DA  A 1 5  ? -4.739  -3.812  -2.241  1.00 0.14 ? 5  DA  A C4     1 
ATOM   146 H "H5'"  . DA  A 1 5  ? -7.155  -6.862  -6.663  1.00 0.20 ? 5  DA  A "H5'"  1 
ATOM   147 H "H5''" . DA  A 1 5  ? -7.499  -5.858  -8.081  1.00 0.24 ? 5  DA  A "H5''" 1 
ATOM   148 H "H4'"  . DA  A 1 5  ? -8.075  -4.465  -6.204  1.00 0.20 ? 5  DA  A "H4'"  1 
ATOM   149 H "H3'"  . DA  A 1 5  ? -5.809  -3.801  -7.797  1.00 0.20 ? 5  DA  A "H3'"  1 
ATOM   150 H "H2'"  . DA  A 1 5  ? -4.220  -3.679  -6.098  1.00 0.18 ? 5  DA  A "H2'"  1 
ATOM   151 H "H2''" . DA  A 1 5  ? -5.013  -2.152  -5.724  1.00 0.19 ? 5  DA  A "H2''" 1 
ATOM   152 H "H1'"  . DA  A 1 5  ? -6.477  -3.127  -4.126  1.00 0.18 ? 5  DA  A "H1'"  1 
ATOM   153 H H8     . DA  A 1 5  ? -3.352  -5.597  -4.536  1.00 0.18 ? 5  DA  A H8     1 
ATOM   154 H H61    . DA  A 1 5  ? -2.371  -4.294  1.423   1.00 0.11 ? 5  DA  A H61    1 
ATOM   155 H H62    . DA  A 1 5  ? -1.801  -5.183  0.057   1.00 0.13 ? 5  DA  A H62    1 
ATOM   156 H H2     . DA  A 1 5  ? -6.054  -2.120  0.085   1.00 0.12 ? 5  DA  A H2     1 
ATOM   157 P P      . DA  A 1 6  ? -6.592  -0.993  -7.412  1.00 0.21 ? 6  DA  A P      1 
ATOM   158 O OP1    . DA  A 1 6  ? -7.327  -0.496  -8.598  1.00 0.24 ? 6  DA  A OP1    1 
ATOM   159 O OP2    . DA  A 1 6  ? -5.114  -1.026  -7.534  1.00 0.21 ? 6  DA  A OP2    1 
ATOM   160 O "O5'"  . DA  A 1 6  ? -7.000  -0.127  -6.126  1.00 0.21 ? 6  DA  A "O5'"  1 
ATOM   161 C "C5'"  . DA  A 1 6  ? -8.275  -0.389  -5.483  1.00 0.25 ? 6  DA  A "C5'"  1 
ATOM   162 C "C4'"  . DA  A 1 6  ? -8.317  0.255   -4.106  1.00 0.21 ? 6  DA  A "C4'"  1 
ATOM   163 O "O4'"  . DA  A 1 6  ? -7.259  -0.306  -3.292  1.00 0.19 ? 6  DA  A "O4'"  1 
ATOM   164 C "C3'"  . DA  A 1 6  ? -8.044  1.732   -4.209  1.00 0.19 ? 6  DA  A "C3'"  1 
ATOM   165 O "O3'"  . DA  A 1 6  ? -9.056  2.453   -3.485  1.00 0.18 ? 6  DA  A "O3'"  1 
ATOM   166 C "C2'"  . DA  A 1 6  ? -6.669  1.976   -3.580  1.00 0.17 ? 6  DA  A "C2'"  1 
ATOM   167 C "C1'"  . DA  A 1 6  ? -6.563  0.766   -2.646  1.00 0.16 ? 6  DA  A "C1'"  1 
ATOM   168 N N9     . DA  A 1 6  ? -5.167  0.326   -2.470  1.00 0.16 ? 6  DA  A N9     1 
ATOM   169 C C8     . DA  A 1 6  ? -4.261  -0.013  -3.431  1.00 0.16 ? 6  DA  A C8     1 
ATOM   170 N N7     . DA  A 1 6  ? -3.104  -0.403  -2.967  1.00 0.15 ? 6  DA  A N7     1 
ATOM   171 C C5     . DA  A 1 6  ? -3.257  -0.300  -1.586  1.00 0.15 ? 6  DA  A C5     1 
ATOM   172 C C6     . DA  A 1 6  ? -2.388  -0.556  -0.508  1.00 0.16 ? 6  DA  A C6     1 
ATOM   173 N N6     . DA  A 1 6  ? -1.139  -0.977  -0.653  1.00 0.16 ? 6  DA  A N6     1 
ATOM   174 N N1     . DA  A 1 6  ? -2.863  -0.337  0.733   1.00 0.16 ? 6  DA  A N1     1 
ATOM   175 C C2     . DA  A 1 6  ? -4.118  0.102   0.876   1.00 0.16 ? 6  DA  A C2     1 
ATOM   176 N N3     . DA  A 1 6  ? -5.017  0.372   -0.060  1.00 0.16 ? 6  DA  A N3     1 
ATOM   177 C C4     . DA  A 1 6  ? -4.512  0.140   -1.280  1.00 0.15 ? 6  DA  A C4     1 
ATOM   178 H "H5'"  . DA  A 1 6  ? -8.397  -1.475  -5.409  1.00 0.27 ? 6  DA  A "H5'"  1 
ATOM   179 H "H5''" . DA  A 1 6  ? -9.061  0.012   -6.118  1.00 0.29 ? 6  DA  A "H5''" 1 
ATOM   180 H "H4'"  . DA  A 1 6  ? -9.282  0.094   -3.651  1.00 0.22 ? 6  DA  A "H4'"  1 
ATOM   181 H "H3'"  . DA  A 1 6  ? -8.062  2.037   -5.254  1.00 0.21 ? 6  DA  A "H3'"  1 
ATOM   182 H "H2'"  . DA  A 1 6  ? -5.868  1.967   -4.325  1.00 0.19 ? 6  DA  A "H2'"  1 
ATOM   183 H "H2''" . DA  A 1 6  ? -6.639  2.917   -3.025  1.00 0.17 ? 6  DA  A "H2''" 1 
ATOM   184 H "H1'"  . DA  A 1 6  ? -7.020  0.974   -1.666  1.00 0.16 ? 6  DA  A "H1'"  1 
ATOM   185 H H8     . DA  A 1 6  ? -4.471  0.095   -4.482  1.00 0.16 ? 6  DA  A H8     1 
ATOM   186 H H61    . DA  A 1 6  ? -0.563  -1.142  0.150   1.00 0.17 ? 6  DA  A H61    1 
ATOM   187 H H62    . DA  A 1 6  ? -0.753  -1.133  -1.566  1.00 0.16 ? 6  DA  A H62    1 
ATOM   188 H H2     . DA  A 1 6  ? -4.439  0.277   1.887   1.00 0.17 ? 6  DA  A H2     1 
ATOM   189 P P      . DT  A 1 7  ? -9.049  4.056   -3.499  1.00 0.18 ? 7  DT  A P      1 
ATOM   190 O OP1    . DT  A 1 7  ? -10.442 4.560   -3.452  1.00 0.18 ? 7  DT  A OP1    1 
ATOM   191 O OP2    . DT  A 1 7  ? -8.224  4.552   -4.627  1.00 0.18 ? 7  DT  A OP2    1 
ATOM   192 O "O5'"  . DT  A 1 7  ? -8.310  4.365   -2.120  1.00 0.17 ? 7  DT  A "O5'"  1 
ATOM   193 C "C5'"  . DT  A 1 7  ? -8.728  3.659   -0.928  1.00 0.18 ? 7  DT  A "C5'"  1 
ATOM   194 C "C4'"  . DT  A 1 7  ? -7.918  4.113   0.263   1.00 0.17 ? 7  DT  A "C4'"  1 
ATOM   195 O "O4'"  . DT  A 1 7  ? -6.693  3.357   0.331   1.00 0.17 ? 7  DT  A "O4'"  1 
ATOM   196 C "C3'"  . DT  A 1 7  ? -7.503  5.569   0.113   1.00 0.16 ? 7  DT  A "C3'"  1 
ATOM   197 O "O3'"  . DT  A 1 7  ? -7.803  6.261   1.337   1.00 0.16 ? 7  DT  A "O3'"  1 
ATOM   198 C "C2'"  . DT  A 1 7  ? -6.001  5.576   -0.134  1.00 0.15 ? 7  DT  A "C2'"  1 
ATOM   199 C "C1'"  . DT  A 1 7  ? -5.615  4.274   0.556   1.00 0.16 ? 7  DT  A "C1'"  1 
ATOM   200 N N1     . DT  A 1 7  ? -4.351  3.656   0.040   1.00 0.16 ? 7  DT  A N1     1 
ATOM   201 C C2     . DT  A 1 7  ? -3.384  3.318   0.973   1.00 0.16 ? 7  DT  A C2     1 
ATOM   202 O O2     . DT  A 1 7  ? -3.538  3.523   2.169   1.00 0.16 ? 7  DT  A O2     1 
ATOM   203 N N3     . DT  A 1 7  ? -2.230  2.741   0.475   1.00 0.16 ? 7  DT  A N3     1 
ATOM   204 C C4     . DT  A 1 7  ? -1.965  2.463   -0.849  1.00 0.17 ? 7  DT  A C4     1 
ATOM   205 O O4     . DT  A 1 7  ? -0.906  1.926   -1.170  1.00 0.17 ? 7  DT  A O4     1 
ATOM   206 C C5     . DT  A 1 7  ? -3.031  2.851   -1.754  1.00 0.17 ? 7  DT  A C5     1 
ATOM   207 C C7     . DT  A 1 7  ? -2.825  2.608   -3.219  1.00 0.17 ? 7  DT  A C7     1 
ATOM   208 C C6     . DT  A 1 7  ? -4.163  3.416   -1.291  1.00 0.16 ? 7  DT  A C6     1 
ATOM   209 H "H5'"  . DT  A 1 7  ? -8.599  2.599   -1.099  1.00 0.19 ? 7  DT  A "H5'"  1 
ATOM   210 H "H5''" . DT  A 1 7  ? -9.784  3.861   -0.769  1.00 0.18 ? 7  DT  A "H5''" 1 
ATOM   211 H "H4'"  . DT  A 1 7  ? -8.498  3.976   1.169   1.00 0.17 ? 7  DT  A "H4'"  1 
ATOM   212 H "H3'"  . DT  A 1 7  ? -8.028  6.033   -0.713  1.00 0.16 ? 7  DT  A "H3'"  1 
ATOM   213 H "H2'"  . DT  A 1 7  ? -5.775  5.548   -1.197  1.00 0.16 ? 7  DT  A "H2'"  1 
ATOM   214 H "H2''" . DT  A 1 7  ? -5.520  6.435   0.323   1.00 0.15 ? 7  DT  A "H2''" 1 
ATOM   215 H "H1'"  . DT  A 1 7  ? -5.519  4.450   1.624   1.00 0.16 ? 7  DT  A "H1'"  1 
ATOM   216 H H3     . DT  A 1 7  ? -1.532  2.509   1.123   1.00 0.17 ? 7  DT  A H3     1 
ATOM   217 H H71    . DT  A 1 7  ? -2.381  3.488   -3.676  1.00 0.93 ? 7  DT  A H71    1 
ATOM   218 H H72    . DT  A 1 7  ? -3.789  2.404   -3.694  1.00 1.01 ? 7  DT  A H72    1 
ATOM   219 H H73    . DT  A 1 7  ? -2.163  1.755   -3.364  1.00 0.92 ? 7  DT  A H73    1 
ATOM   220 H H6     . DT  A 1 7  ? -4.926  3.700   -1.993  1.00 0.16 ? 7  DT  A H6     1 
ATOM   221 P P      . DT  A 1 8  ? -7.482  7.827   1.469   1.00 0.15 ? 8  DT  A P      1 
ATOM   222 O OP1    . DT  A 1 8  ? -8.521  8.487   2.298   1.00 0.17 ? 8  DT  A OP1    1 
ATOM   223 O OP2    . DT  A 1 8  ? -7.271  8.410   0.127   1.00 0.18 ? 8  DT  A OP2    1 
ATOM   224 O "O5'"  . DT  A 1 8  ? -6.095  7.799   2.263   1.00 0.11 ? 8  DT  A "O5'"  1 
ATOM   225 C "C5'"  . DT  A 1 8  ? -6.108  7.585   3.693   1.00 0.10 ? 8  DT  A "C5'"  1 
ATOM   226 C "C4'"  . DT  A 1 8  ? -4.701  7.720   4.253   1.00 0.11 ? 8  DT  A "C4'"  1 
ATOM   227 O "O4'"  . DT  A 1 8  ? -3.812  6.819   3.558   1.00 0.11 ? 8  DT  A "O4'"  1 
ATOM   228 C "C3'"  . DT  A 1 8  ? -4.153  9.122   4.017   1.00 0.11 ? 8  DT  A "C3'"  1 
ATOM   229 O "O3'"  . DT  A 1 8  ? -3.738  9.667   5.288   1.00 0.13 ? 8  DT  A "O3'"  1 
ATOM   230 C "C2'"  . DT  A 1 8  ? -2.954  8.977   3.079   1.00 0.10 ? 8  DT  A "C2'"  1 
ATOM   231 C "C1'"  . DT  A 1 8  ? -2.581  7.514   3.341   1.00 0.11 ? 8  DT  A "C1'"  1 
ATOM   232 N N1     . DT  A 1 8  ? -1.857  6.860   2.202   1.00 0.10 ? 8  DT  A N1     1 
ATOM   233 C C2     . DT  A 1 8  ? -0.641  6.250   2.476   1.00 0.09 ? 8  DT  A C2     1 
ATOM   234 O O2     . DT  A 1 8  ? -0.169  6.224   3.608   1.00 0.10 ? 8  DT  A O2     1 
ATOM   235 N N3     . DT  A 1 8  ? 0.023   5.682   1.403   1.00 0.09 ? 8  DT  A N3     1 
ATOM   236 C C4     . DT  A 1 8  ? -0.414  5.663   0.096   1.00 0.10 ? 8  DT  A C4     1 
ATOM   237 O O4     . DT  A 1 8  ? 0.264   5.127   -0.783  1.00 0.10 ? 8  DT  A O4     1 
ATOM   238 C C5     . DT  A 1 8  ? -1.694  6.319   -0.106  1.00 0.10 ? 8  DT  A C5     1 
ATOM   239 C C7     . DT  A 1 8  ? -2.241  6.352   -1.506  1.00 0.12 ? 8  DT  A C7     1 
ATOM   240 C C6     . DT  A 1 8  ? -2.362  6.883   0.931   1.00 0.10 ? 8  DT  A C6     1 
ATOM   241 H "H5'"  . DT  A 1 8  ? -6.507  6.590   3.885   1.00 0.10 ? 8  DT  A "H5'"  1 
ATOM   242 H "H5''" . DT  A 1 8  ? -6.775  8.316   4.138   1.00 0.10 ? 8  DT  A "H5''" 1 
ATOM   243 H "H4'"  . DT  A 1 8  ? -4.702  7.503   5.320   1.00 0.13 ? 8  DT  A "H4'"  1 
ATOM   244 H "H3'"  . DT  A 1 8  ? -4.918  9.761   3.574   1.00 0.10 ? 8  DT  A "H3'"  1 
ATOM   245 H "H2'"  . DT  A 1 8  ? -3.238  9.143   2.042   1.00 0.08 ? 8  DT  A "H2'"  1 
ATOM   246 H "H2''" . DT  A 1 8  ? -2.142  9.654   3.347   1.00 0.11 ? 8  DT  A "H2''" 1 
ATOM   247 H "H1'"  . DT  A 1 8  ? -1.972  7.447   4.253   1.00 0.13 ? 8  DT  A "H1'"  1 
ATOM   248 H H3     . DT  A 1 8  ? 0.892   5.257   1.589   1.00 0.09 ? 8  DT  A H3     1 
ATOM   249 H H71    . DT  A 1 8  ? -2.844  5.468   -1.682  1.00 1.02 ? 8  DT  A H71    1 
ATOM   250 H H72    . DT  A 1 8  ? -1.418  6.375   -2.224  1.00 1.00 ? 8  DT  A H72    1 
ATOM   251 H H73    . DT  A 1 8  ? -2.859  7.241   -1.640  1.00 0.94 ? 8  DT  A H73    1 
ATOM   252 H H6     . DT  A 1 8  ? -3.314  7.360   0.743   1.00 0.11 ? 8  DT  A H6     1 
HETATM 253 P P      . CAR A 1 9  ? -2.776  10.957  5.350   1.00 0.15 ? 9  CAR A P      1 
HETATM 254 O OP1    . CAR A 1 9  ? -2.969  11.663  6.639   1.00 0.18 ? 9  CAR A OP1    1 
HETATM 255 O OP2    . CAR A 1 9  ? -2.960  11.783  4.137   1.00 0.14 ? 9  CAR A OP2    1 
HETATM 256 O "O5'"  . CAR A 1 9  ? -1.319  10.267  5.313   1.00 0.18 ? 9  CAR A "O5'"  1 
HETATM 257 C "C5'"  . CAR A 1 9  ? -0.681  9.883   6.553   1.00 0.18 ? 9  CAR A "C5'"  1 
HETATM 258 C "C4'"  . CAR A 1 9  ? 0.780   9.489   6.306   1.00 0.18 ? 9  CAR A "C4'"  1 
HETATM 259 O "O4'"  . CAR A 1 9  ? 0.858   8.523   5.257   1.00 0.16 ? 9  CAR A "O4'"  1 
HETATM 260 C "C3'"  . CAR A 1 9  ? 1.577   10.675  5.815   1.00 0.18 ? 9  CAR A "C3'"  1 
HETATM 261 O "O3'"  . CAR A 1 9  ? 2.123   11.398  6.922   1.00 0.22 ? 9  CAR A "O3'"  1 
HETATM 262 C "C2'"  . CAR A 1 9  ? 2.712   10.023  5.012   1.00 0.17 ? 9  CAR A "C2'"  1 
HETATM 263 O "O2'"  . CAR A 1 9  ? 3.005   10.751  3.877   1.00 0.16 ? 9  CAR A "O2'"  1 
HETATM 264 C "C1'"  . CAR A 1 9  ? 2.173   8.621   4.676   1.00 0.15 ? 9  CAR A "C1'"  1 
HETATM 265 N N1     . CAR A 1 9  ? 2.091   8.351   3.198   1.00 0.11 ? 9  CAR A N1     1 
HETATM 266 C C2     . CAR A 1 9  ? 3.191   7.746   2.594   1.00 0.10 ? 9  CAR A C2     1 
HETATM 267 O O2     . CAR A 1 9  ? 4.185   7.470   3.262   1.00 0.11 ? 9  CAR A O2     1 
HETATM 268 N N3     . CAR A 1 9  ? 3.139   7.486   1.267   1.00 0.08 ? 9  CAR A N3     1 
HETATM 269 C C4     . CAR A 1 9  ? 2.061   7.800   0.550   1.00 0.08 ? 9  CAR A C4     1 
HETATM 270 N N4     . CAR A 1 9  ? 2.042   7.500   -0.746  1.00 0.08 ? 9  CAR A N4     1 
HETATM 271 C C5     . CAR A 1 9  ? 0.924   8.428   1.146   1.00 0.09 ? 9  CAR A C5     1 
HETATM 272 C C6     . CAR A 1 9  ? 0.989   8.683   2.474   1.00 0.11 ? 9  CAR A C6     1 
HETATM 273 H "H5'"  . CAR A 1 9  ? -1.242  9.052   6.985   1.00 0.18 ? 9  CAR A "H5'"  1 
HETATM 274 H "H5''" . CAR A 1 9  ? -0.739  10.731  7.243   1.00 0.19 ? 9  CAR A "H5''" 1 
HETATM 275 H "H4'"  . CAR A 1 9  ? 1.222   9.092   7.231   1.00 0.21 ? 9  CAR A "H4'"  1 
HETATM 276 H "H3'"  . CAR A 1 9  ? 0.984   11.322  5.196   1.00 0.17 ? 9  CAR A "H3'"  1 
HETATM 277 H "H2'"  . CAR A 1 9  ? 3.597   9.962   5.604   1.00 0.19 ? 9  CAR A "H2'"  1 
HETATM 278 H "HO2'" . CAR A 1 9  ? 3.323   11.593  4.134   1.00 0.17 ? 9  CAR A "HO2'" 1 
HETATM 279 H "H1'"  . CAR A 1 9  ? 2.815   7.874   5.145   1.00 0.16 ? 9  CAR A "H1'"  1 
HETATM 280 H HN41   . CAR A 1 9  ? 1.242   7.709   -1.305  1.00 0.09 ? 9  CAR A HN41   1 
HETATM 281 H HN42   . CAR A 1 9  ? 2.831   7.059   -1.176  1.00 0.09 ? 9  CAR A HN42   1 
HETATM 282 H H5     . CAR A 1 9  ? 0.047   8.681   0.572   1.00 0.09 ? 9  CAR A H5     1 
HETATM 283 H H6     . CAR A 1 9  ? 0.171   9.150   2.966   1.00 0.13 ? 9  CAR A H6     1 
ATOM   284 P P      . DG  A 1 10 ? 2.995   12.702  6.622   1.00 0.23 ? 10 DG  A P      1 
ATOM   285 O OP1    . DG  A 1 10 ? 3.132   13.512  7.850   1.00 0.27 ? 10 DG  A OP1    1 
ATOM   286 O OP2    . DG  A 1 10 ? 2.442   13.406  5.442   1.00 0.21 ? 10 DG  A OP2    1 
ATOM   287 O "O5'"  . DG  A 1 10 ? 4.404   12.047  6.239   1.00 0.20 ? 10 DG  A "O5'"  1 
ATOM   288 C "C5'"  . DG  A 1 10 ? 5.238   11.514  7.292   1.00 0.21 ? 10 DG  A "C5'"  1 
ATOM   289 C "C4'"  . DG  A 1 10 ? 6.543   11.009  6.712   1.00 0.18 ? 10 DG  A "C4'"  1 
ATOM   290 O "O4'"  . DG  A 1 10 ? 6.291   10.405  5.419   1.00 0.15 ? 10 DG  A "O4'"  1 
ATOM   291 C "C3'"  . DG  A 1 10 ? 7.483   12.167  6.456   1.00 0.16 ? 10 DG  A "C3'"  1 
ATOM   292 O "O3'"  . DG  A 1 10 ? 8.808   11.780  6.860   1.00 0.16 ? 10 DG  A "O3'"  1 
ATOM   293 C "C2'"  . DG  A 1 10 ? 7.455   12.428  4.963   1.00 0.13 ? 10 DG  A "C2'"  1 
ATOM   294 C "C1'"  . DG  A 1 10 ? 7.153   11.029  4.448   1.00 0.12 ? 10 DG  A "C1'"  1 
ATOM   295 N N9     . DG  A 1 10 ? 6.453   11.000  3.131   1.00 0.10 ? 10 DG  A N9     1 
ATOM   296 C C8     . DG  A 1 10 ? 5.230   11.516  2.793   1.00 0.11 ? 10 DG  A C8     1 
ATOM   297 N N7     . DG  A 1 10 ? 4.894   11.320  1.540   1.00 0.09 ? 10 DG  A N7     1 
ATOM   298 C C5     . DG  A 1 10 ? 5.974   10.615  1.011   1.00 0.08 ? 10 DG  A C5     1 
ATOM   299 C C6     . DG  A 1 10 ? 6.193   10.119  -0.308  1.00 0.09 ? 10 DG  A C6     1 
ATOM   300 O O6     . DG  A 1 10 ? 5.471   10.214  -1.303  1.00 0.11 ? 10 DG  A O6     1 
ATOM   301 N N1     . DG  A 1 10 ? 7.414   9.471   -0.403  1.00 0.10 ? 10 DG  A N1     1 
ATOM   302 C C2     . DG  A 1 10 ? 8.313   9.313   0.625   1.00 0.09 ? 10 DG  A C2     1 
ATOM   303 N N2     . DG  A 1 10 ? 9.413   8.643   0.352   1.00 0.12 ? 10 DG  A N2     1 
ATOM   304 N N3     . DG  A 1 10 ? 8.114   9.777   1.854   1.00 0.08 ? 10 DG  A N3     1 
ATOM   305 C C4     . DG  A 1 10 ? 6.929   10.418  1.976   1.00 0.08 ? 10 DG  A C4     1 
ATOM   306 H "H5'"  . DG  A 1 10 ? 4.696   10.713  7.785   1.00 0.22 ? 10 DG  A "H5'"  1 
ATOM   307 H "H5''" . DG  A 1 10 ? 5.420   12.314  8.017   1.00 0.24 ? 10 DG  A "H5''" 1 
ATOM   308 H "H4'"  . DG  A 1 10 ? 7.008   10.291  7.392   1.00 0.19 ? 10 DG  A "H4'"  1 
ATOM   309 H "H3'"  . DG  A 1 10 ? 7.173   13.046  7.012   1.00 0.19 ? 10 DG  A "H3'"  1 
ATOM   310 H "H2'"  . DG  A 1 10 ? 6.674   13.136  4.689   1.00 0.15 ? 10 DG  A "H2'"  1 
ATOM   311 H "H2''" . DG  A 1 10 ? 8.406   12.783  4.614   1.00 0.12 ? 10 DG  A "H2''" 1 
ATOM   312 H "H1'"  . DG  A 1 10 ? 8.078   10.469  4.376   1.00 0.12 ? 10 DG  A "H1'"  1 
ATOM   313 H H8     . DG  A 1 10 ? 4.584   12.005  3.513   1.00 0.14 ? 10 DG  A H8     1 
ATOM   314 H H1     . DG  A 1 10 ? 7.660   9.109   -1.285  1.00 0.12 ? 10 DG  A H1     1 
ATOM   315 H H21    . DG  A 1 10 ? 9.581   8.289   -0.569  1.00 0.14 ? 10 DG  A H21    1 
ATOM   316 H H22    . DG  A 1 10 ? 10.096  8.485   1.062   1.00 0.12 ? 10 DG  A H22    1 
ATOM   317 P P      . DC  A 1 11 ? 10.030  12.795  6.645   1.00 0.17 ? 11 DC  A P      1 
ATOM   318 O OP1    . DC  A 1 11 ? 11.107  12.495  7.620   1.00 0.19 ? 11 DC  A OP1    1 
ATOM   319 O OP2    . DC  A 1 11 ? 9.528   14.186  6.654   1.00 0.19 ? 11 DC  A OP2    1 
ATOM   320 O "O5'"  . DC  A 1 11 ? 10.504  12.402  5.159   1.00 0.14 ? 11 DC  A "O5'"  1 
ATOM   321 C "C5'"  . DC  A 1 11 ? 11.474  11.352  4.986   1.00 0.12 ? 11 DC  A "C5'"  1 
ATOM   322 C "C4'"  . DC  A 1 11 ? 12.024  11.378  3.565   1.00 0.10 ? 11 DC  A "C4'"  1 
ATOM   323 O "O4'"  . DC  A 1 11 ? 10.946  11.206  2.618   1.00 0.09 ? 11 DC  A "O4'"  1 
ATOM   324 C "C3'"  . DC  A 1 11 ? 12.640  12.732  3.263   1.00 0.12 ? 11 DC  A "C3'"  1 
ATOM   325 O "O3'"  . DC  A 1 11 ? 14.018  12.526  2.896   1.00 0.13 ? 11 DC  A "O3'"  1 
ATOM   326 C "C2'"  . DC  A 1 11 ? 11.862  13.339  2.086   1.00 0.12 ? 11 DC  A "C2'"  1 
ATOM   327 C "C1'"  . DC  A 1 11 ? 11.202  12.083  1.507   1.00 0.09 ? 11 DC  A "C1'"  1 
ATOM   328 N N1     . DC  A 1 11 ? 9.902   12.344  0.787   1.00 0.10 ? 11 DC  A N1     1 
ATOM   329 C C2     . DC  A 1 11 ? 9.785   11.876  -0.519  1.00 0.11 ? 11 DC  A C2     1 
ATOM   330 O O2     . DC  A 1 11 ? 10.725  11.280  -1.040  1.00 0.12 ? 11 DC  A O2     1 
ATOM   331 N N3     . DC  A 1 11 ? 8.618   12.087  -1.187  1.00 0.13 ? 11 DC  A N3     1 
ATOM   332 C C4     . DC  A 1 11 ? 7.602   12.725  -0.609  1.00 0.12 ? 11 DC  A C4     1 
ATOM   333 N N4     . DC  A 1 11 ? 6.463   12.876  -1.292  1.00 0.15 ? 11 DC  A N4     1 
ATOM   334 C C5     . DC  A 1 11 ? 7.699   13.217  0.736   1.00 0.11 ? 11 DC  A C5     1 
ATOM   335 C C6     . DC  A 1 11 ? 8.877   13.003  1.394   1.00 0.10 ? 11 DC  A C6     1 
ATOM   336 H "H5'"  . DC  A 1 11 ? 10.991  10.405  5.198   1.00 0.10 ? 11 DC  A "H5'"  1 
ATOM   337 H "H5''" . DC  A 1 11 ? 12.273  11.509  5.709   1.00 0.13 ? 11 DC  A "H5''" 1 
ATOM   338 H "H4'"  . DC  A 1 11 ? 12.775  10.596  3.436   1.00 0.12 ? 11 DC  A "H4'"  1 
ATOM   339 H "H3'"  . DC  A 1 11 ? 12.585  13.376  4.140   1.00 0.14 ? 11 DC  A "H3'"  1 
ATOM   340 H "H2'"  . DC  A 1 11 ? 11.119  14.060  2.435   1.00 0.13 ? 11 DC  A "H2'"  1 
ATOM   341 H "H2''" . DC  A 1 11 ? 12.527  13.825  1.363   1.00 0.14 ? 11 DC  A "H2''" 1 
ATOM   342 H "H1'"  . DC  A 1 11 ? 11.906  11.583  0.821   1.00 0.10 ? 11 DC  A "H1'"  1 
ATOM   343 H H41    . DC  A 1 11 ? 6.381   12.539  -2.231  1.00 0.16 ? 11 DC  A H41    1 
ATOM   344 H H42    . DC  A 1 11 ? 5.677   13.333  -0.875  1.00 0.15 ? 11 DC  A H42    1 
ATOM   345 H H5     . DC  A 1 11 ? 6.881   13.742  1.213   1.00 0.12 ? 11 DC  A H5     1 
ATOM   346 H H6     . DC  A 1 11 ? 9.007   13.351  2.399   1.00 0.10 ? 11 DC  A H6     1 
ATOM   347 P P      . DG  A 1 12 ? 14.906  13.756  2.401   1.00 0.17 ? 12 DG  A P      1 
ATOM   348 O OP1    . DG  A 1 12 ? 16.287  13.599  2.899   1.00 0.21 ? 12 DG  A OP1    1 
ATOM   349 O OP2    . DG  A 1 12 ? 14.230  15.034  2.739   1.00 0.21 ? 12 DG  A OP2    1 
ATOM   350 O "O5'"  . DG  A 1 12 ? 14.882  13.544  0.821   1.00 0.17 ? 12 DG  A "O5'"  1 
ATOM   351 C "C5'"  . DG  A 1 12 ? 15.582  12.418  0.241   1.00 0.17 ? 12 DG  A "C5'"  1 
ATOM   352 C "C4'"  . DG  A 1 12 ? 15.720  12.622  -1.250  1.00 0.20 ? 12 DG  A "C4'"  1 
ATOM   353 O "O4'"  . DG  A 1 12 ? 14.453  12.972  -1.771  1.00 0.17 ? 12 DG  A "O4'"  1 
ATOM   354 C "C3'"  . DG  A 1 12 ? 16.622  13.794  -1.551  1.00 0.24 ? 12 DG  A "C3'"  1 
ATOM   355 O "O3'"  . DG  A 1 12 ? 17.893  13.372  -2.030  1.00 0.30 ? 12 DG  A "O3'"  1 
ATOM   356 C "C2'"  . DG  A 1 12 ? 15.933  14.624  -2.653  1.00 0.25 ? 12 DG  A "C2'"  1 
ATOM   357 C "C1'"  . DG  A 1 12 ? 14.656  13.797  -2.909  1.00 0.21 ? 12 DG  A "C1'"  1 
ATOM   358 N N9     . DG  A 1 12 ? 13.424  14.637  -3.083  1.00 0.19 ? 12 DG  A N9     1 
ATOM   359 C C8     . DG  A 1 12 ? 12.912  15.641  -2.272  1.00 0.19 ? 12 DG  A C8     1 
ATOM   360 N N7     . DG  A 1 12 ? 11.819  16.188  -2.736  1.00 0.20 ? 12 DG  A N7     1 
ATOM   361 C C5     . DG  A 1 12 ? 11.581  15.508  -3.927  1.00 0.20 ? 12 DG  A C5     1 
ATOM   362 C C6     . DG  A 1 12 ? 10.532  15.662  -4.877  1.00 0.22 ? 12 DG  A C6     1 
ATOM   363 O O6     . DG  A 1 12 ? 9.587   16.446  -4.859  1.00 0.24 ? 12 DG  A O6     1 
ATOM   364 N N1     . DG  A 1 12 ? 10.676  14.774  -5.933  1.00 0.23 ? 12 DG  A N1     1 
ATOM   365 C C2     . DG  A 1 12 ? 11.687  13.850  -6.063  1.00 0.23 ? 12 DG  A C2     1 
ATOM   366 N N2     . DG  A 1 12 ? 11.656  13.082  -7.139  1.00 0.26 ? 12 DG  A N2     1 
ATOM   367 N N3     . DG  A 1 12 ? 12.667  13.704  -5.185  1.00 0.22 ? 12 DG  A N3     1 
ATOM   368 C C4     . DG  A 1 12 ? 12.556  14.561  -4.142  1.00 0.20 ? 12 DG  A C4     1 
ATOM   369 H "H5'"  . DG  A 1 12 ? 15.013  11.520  0.448   1.00 0.16 ? 12 DG  A "H5'"  1 
ATOM   370 H "H5''" . DG  A 1 12 ? 16.563  12.332  0.720   1.00 0.18 ? 12 DG  A "H5''" 1 
ATOM   371 H "H4'"  . DG  A 1 12 ? 16.097  11.724  -1.718  1.00 0.23 ? 12 DG  A "H4'"  1 
ATOM   372 H "H3'"  . DG  A 1 12 ? 16.765  14.397  -0.645  1.00 0.24 ? 12 DG  A "H3'"  1 
ATOM   373 H "HO3'" . DG  A 1 12 ? 18.410  14.143  -2.104  1.00 0.29 ? 12 DG  A "HO3'" 1 
ATOM   374 H "H2'"  . DG  A 1 12 ? 15.689  15.642  -2.319  1.00 0.25 ? 12 DG  A "H2'"  1 
ATOM   375 H "H2''" . DG  A 1 12 ? 16.552  14.682  -3.546  1.00 0.28 ? 12 DG  A "H2''" 1 
ATOM   376 H "H1'"  . DG  A 1 12 ? 14.798  13.154  -3.793  1.00 0.23 ? 12 DG  A "H1'"  1 
ATOM   377 H H8     . DG  A 1 12 ? 13.366  15.943  -1.339  1.00 0.19 ? 12 DG  A H8     1 
ATOM   378 H H1     . DG  A 1 12 ? 9.999   14.818  -6.648  1.00 0.24 ? 12 DG  A H1     1 
ATOM   379 H H21    . DG  A 1 12 ? 10.925  13.178  -7.810  1.00 0.28 ? 12 DG  A H21    1 
ATOM   380 H H22    . DG  A 1 12 ? 12.361  12.389  -7.287  1.00 0.28 ? 12 DG  A H22    1 
ATOM   381 O "O5'"  . DC  B 1 1  ? 7.085   16.084  -15.073 1.00 0.45 ? 13 DC  B "O5'"  1 
ATOM   382 C "C5'"  . DC  B 1 1  ? 6.566   14.923  -14.482 1.00 0.48 ? 13 DC  B "C5'"  1 
ATOM   383 C "C4'"  . DC  B 1 1  ? 7.597   14.320  -13.532 1.00 0.43 ? 13 DC  B "C4'"  1 
ATOM   384 O "O4'"  . DC  B 1 1  ? 7.897   15.251  -12.474 1.00 0.41 ? 13 DC  B "O4'"  1 
ATOM   385 C "C3'"  . DC  B 1 1  ? 7.010   13.108  -12.848 1.00 0.39 ? 13 DC  B "C3'"  1 
ATOM   386 O "O3'"  . DC  B 1 1  ? 7.623   11.941  -13.403 1.00 0.40 ? 13 DC  B "O3'"  1 
ATOM   387 C "C2'"  . DC  B 1 1  ? 7.373   13.209  -11.319 1.00 0.34 ? 13 DC  B "C2'"  1 
ATOM   388 C "C1'"  . DC  B 1 1  ? 8.257   14.477  -11.297 1.00 0.35 ? 13 DC  B "C1'"  1 
ATOM   389 N N1     . DC  B 1 1  ? 8.025   15.326  -10.083 1.00 0.33 ? 13 DC  B N1     1 
ATOM   390 C C2     . DC  B 1 1  ? 8.918   15.191  -9.024  1.00 0.30 ? 13 DC  B C2     1 
ATOM   391 O O2     . DC  B 1 1  ? 9.855   14.396  -9.107  1.00 0.30 ? 13 DC  B O2     1 
ATOM   392 N N3     . DC  B 1 1  ? 8.730   15.943  -7.913  1.00 0.29 ? 13 DC  B N3     1 
ATOM   393 C C4     . DC  B 1 1  ? 7.711   16.797  -7.829  1.00 0.30 ? 13 DC  B C4     1 
ATOM   394 N N4     . DC  B 1 1  ? 7.577   17.529  -6.723  1.00 0.30 ? 13 DC  B N4     1 
ATOM   395 C C5     . DC  B 1 1  ? 6.774   16.949  -8.906  1.00 0.33 ? 13 DC  B C5     1 
ATOM   396 C C6     . DC  B 1 1  ? 6.983   16.181  -10.020 1.00 0.34 ? 13 DC  B C6     1 
ATOM   397 H "H5'"  . DC  B 1 1  ? 6.323   14.212  -15.267 1.00 0.51 ? 13 DC  B "H5'"  1 
ATOM   398 H "H5''" . DC  B 1 1  ? 5.646   15.187  -13.966 1.00 0.54 ? 13 DC  B "H5''" 1 
ATOM   399 H "H4'"  . DC  B 1 1  ? 8.506   14.043  -14.105 1.00 0.44 ? 13 DC  B "H4'"  1 
ATOM   400 H "H3'"  . DC  B 1 1  ? 5.920   13.063  -13.023 1.00 0.41 ? 13 DC  B "H3'"  1 
ATOM   401 H "H2'"  . DC  B 1 1  ? 6.485   13.350  -10.675 1.00 0.32 ? 13 DC  B "H2'"  1 
ATOM   402 H "H2''" . DC  B 1 1  ? 7.927   12.315  -10.975 1.00 0.32 ? 13 DC  B "H2''" 1 
ATOM   403 H "H1'"  . DC  B 1 1  ? 9.319   14.205  -11.345 1.00 0.35 ? 13 DC  B "H1'"  1 
ATOM   404 H H41    . DC  B 1 1  ? 8.227   17.434  -5.967  1.00 0.28 ? 13 DC  B H41    1 
ATOM   405 H H42    . DC  B 1 1  ? 6.824   18.186  -6.636  1.00 0.31 ? 13 DC  B H42    1 
ATOM   406 H H5     . DC  B 1 1  ? 5.945   17.641  -8.845  1.00 0.34 ? 13 DC  B H5     1 
ATOM   407 H H6     . DC  B 1 1  ? 6.309   16.229  -10.848 1.00 0.36 ? 13 DC  B H6     1 
ATOM   408 H "HO5'" . DC  B 1 1  ? 6.925   16.800  -14.513 1.00 0.93 ? 13 DC  B "HO5'" 1 
ATOM   409 P P      . DG  B 1 2  ? 7.150   10.487  -12.900 1.00 0.38 ? 14 DG  B P      1 
ATOM   410 O OP1    . DG  B 1 2  ? 7.341   9.503   -13.983 1.00 0.42 ? 14 DG  B OP1    1 
ATOM   411 O OP2    . DG  B 1 2  ? 5.779   10.569  -12.339 1.00 0.37 ? 14 DG  B OP2    1 
ATOM   412 O "O5'"  . DG  B 1 2  ? 8.198   10.207  -11.725 1.00 0.36 ? 14 DG  B "O5'"  1 
ATOM   413 C "C5'"  . DG  B 1 2  ? 9.603   10.338  -12.005 1.00 0.40 ? 14 DG  B "C5'"  1 
ATOM   414 C "C4'"  . DG  B 1 2  ? 10.416  10.090  -10.753 1.00 0.37 ? 14 DG  B "C4'"  1 
ATOM   415 O "O4'"  . DG  B 1 2  ? 9.869   10.842  -9.645  1.00 0.34 ? 14 DG  B "O4'"  1 
ATOM   416 C "C3'"  . DG  B 1 2  ? 10.309  8.639   -10.364 1.00 0.35 ? 14 DG  B "C3'"  1 
ATOM   417 O "O3'"  . DG  B 1 2  ? 11.599  8.196   -9.925  1.00 0.35 ? 14 DG  B "O3'"  1 
ATOM   418 C "C2'"  . DG  B 1 2  ? 9.321   8.565   -9.219  1.00 0.30 ? 14 DG  B "C2'"  1 
ATOM   419 C "C1'"  . DG  B 1 2  ? 9.571   9.921   -8.570  1.00 0.30 ? 14 DG  B "C1'"  1 
ATOM   420 N N9     . DG  B 1 2  ? 8.417   10.479  -7.784  1.00 0.27 ? 14 DG  B N9     1 
ATOM   421 C C8     . DG  B 1 2  ? 7.095   10.683  -8.149  1.00 0.26 ? 14 DG  B C8     1 
ATOM   422 N N7     . DG  B 1 2  ? 6.360   11.215  -7.201  1.00 0.24 ? 14 DG  B N7     1 
ATOM   423 C C5     . DG  B 1 2  ? 7.253   11.379  -6.138  1.00 0.22 ? 14 DG  B C5     1 
ATOM   424 C C6     . DG  B 1 2  ? 7.044   11.911  -4.823  1.00 0.19 ? 14 DG  B C6     1 
ATOM   425 O O6     . DG  B 1 2  ? 6.011   12.349  -4.322  1.00 0.18 ? 14 DG  B O6     1 
ATOM   426 N N1     . DG  B 1 2  ? 8.212   11.887  -4.084  1.00 0.18 ? 14 DG  B N1     1 
ATOM   427 C C2     . DG  B 1 2  ? 9.421   11.419  -4.526  1.00 0.20 ? 14 DG  B C2     1 
ATOM   428 N N2     . DG  B 1 2  ? 10.421  11.484  -3.675  1.00 0.19 ? 14 DG  B N2     1 
ATOM   429 N N3     . DG  B 1 2  ? 9.625   10.930  -5.737  1.00 0.23 ? 14 DG  B N3     1 
ATOM   430 C C4     . DG  B 1 2  ? 8.503   10.932  -6.490  1.00 0.24 ? 14 DG  B C4     1 
ATOM   431 H "H5'"  . DG  B 1 2  ? 9.785   11.332  -12.386 1.00 0.45 ? 14 DG  B "H5'"  1 
ATOM   432 H "H5''" . DG  B 1 2  ? 9.861   9.612   -12.777 1.00 0.45 ? 14 DG  B "H5''" 1 
ATOM   433 H "H4'"  . DG  B 1 2  ? 11.459  10.358  -10.923 1.00 0.39 ? 14 DG  B "H4'"  1 
ATOM   434 H "H3'"  . DG  B 1 2  ? 9.974   8.040   -11.196 1.00 0.37 ? 14 DG  B "H3'"  1 
ATOM   435 H "H2'"  . DG  B 1 2  ? 8.294   8.471   -9.580  1.00 0.30 ? 14 DG  B "H2'"  1 
ATOM   436 H "H2''" . DG  B 1 2  ? 9.551   7.747   -8.554  1.00 0.29 ? 14 DG  B "H2''" 1 
ATOM   437 H "H1'"  . DG  B 1 2  ? 10.455  9.834   -7.906  1.00 0.29 ? 14 DG  B "H1'"  1 
ATOM   438 H H8     . DG  B 1 2  ? 6.703   10.434  -9.127  1.00 0.28 ? 14 DG  B H8     1 
ATOM   439 H H1     . DG  B 1 2  ? 8.162   12.214  -3.162  1.00 0.16 ? 14 DG  B H1     1 
ATOM   440 H H21    . DG  B 1 2  ? 10.286  11.847  -2.756  1.00 0.17 ? 14 DG  B H21    1 
ATOM   441 H H22    . DG  B 1 2  ? 11.331  11.165  -3.937  1.00 0.21 ? 14 DG  B H22    1 
ATOM   442 P P      . DC  B 1 3  ? 11.898  6.636   -9.750  1.00 0.35 ? 15 DC  B P      1 
ATOM   443 O OP1    . DC  B 1 3  ? 13.156  6.295   -10.452 1.00 0.38 ? 15 DC  B OP1    1 
ATOM   444 O OP2    . DC  B 1 3  ? 10.708  5.837   -10.131 1.00 0.36 ? 15 DC  B OP2    1 
ATOM   445 O "O5'"  . DC  B 1 3  ? 12.118  6.543   -8.165  1.00 0.31 ? 15 DC  B "O5'"  1 
ATOM   446 C "C5'"  . DC  B 1 3  ? 13.174  7.316   -7.556  1.00 0.30 ? 15 DC  B "C5'"  1 
ATOM   447 C "C4'"  . DC  B 1 3  ? 13.052  7.285   -6.033  1.00 0.26 ? 15 DC  B "C4'"  1 
ATOM   448 O "O4'"  . DC  B 1 3  ? 11.919  8.064   -5.619  1.00 0.23 ? 15 DC  B "O4'"  1 
ATOM   449 C "C3'"  . DC  B 1 3  ? 12.788  5.872   -5.542  1.00 0.27 ? 15 DC  B "C3'"  1 
ATOM   450 O "O3'"  . DC  B 1 3  ? 13.865  5.485   -4.678  1.00 0.26 ? 15 DC  B "O3'"  1 
ATOM   451 C "C2'"  . DC  B 1 3  ? 11.472  5.900   -4.753  1.00 0.24 ? 15 DC  B "C2'"  1 
ATOM   452 C "C1'"  . DC  B 1 3  ? 11.324  7.399   -4.499  1.00 0.21 ? 15 DC  B "C1'"  1 
ATOM   453 N N1     . DC  B 1 3  ? 9.904   7.859   -4.384  1.00 0.20 ? 15 DC  B N1     1 
ATOM   454 C C2     . DC  B 1 3  ? 9.515   8.496   -3.204  1.00 0.16 ? 15 DC  B C2     1 
ATOM   455 O O2     . DC  B 1 3  ? 10.321  8.637   -2.288  1.00 0.15 ? 15 DC  B O2     1 
ATOM   456 N N3     . DC  B 1 3  ? 8.239   8.955   -3.103  1.00 0.15 ? 15 DC  B N3     1 
ATOM   457 C C4     . DC  B 1 3  ? 7.376   8.804   -4.107  1.00 0.17 ? 15 DC  B C4     1 
ATOM   458 N N4     . DC  B 1 3  ? 6.142   9.295   -3.973  1.00 0.17 ? 15 DC  B N4     1 
ATOM   459 C C5     . DC  B 1 3  ? 7.760   8.145   -5.326  1.00 0.21 ? 15 DC  B C5     1 
ATOM   460 C C6     . DC  B 1 3  ? 9.041   7.686   -5.406  1.00 0.22 ? 15 DC  B C6     1 
ATOM   461 H "H5'"  . DC  B 1 3  ? 13.105  8.337   -7.927  1.00 0.30 ? 15 DC  B "H5'"  1 
ATOM   462 H "H5''" . DC  B 1 3  ? 14.128  6.895   -7.872  1.00 0.32 ? 15 DC  B "H5''" 1 
ATOM   463 H "H4'"  . DC  B 1 3  ? 13.962  7.663   -5.581  1.00 0.25 ? 15 DC  B "H4'"  1 
ATOM   464 H "H3'"  . DC  B 1 3  ? 12.726  5.185   -6.381  1.00 0.30 ? 15 DC  B "H3'"  1 
ATOM   465 H "H2'"  . DC  B 1 3  ? 10.642  5.511   -5.342  1.00 0.26 ? 15 DC  B "H2'"  1 
ATOM   466 H "H2''" . DC  B 1 3  ? 11.552  5.338   -3.820  1.00 0.24 ? 15 DC  B "H2''" 1 
ATOM   467 H "H1'"  . DC  B 1 3  ? 11.870  7.672   -3.600  1.00 0.19 ? 15 DC  B "H1'"  1 
ATOM   468 H H41    . DC  B 1 3  ? 5.867   9.758   -3.126  1.00 0.15 ? 15 DC  B H41    1 
ATOM   469 H H42    . DC  B 1 3  ? 5.477   9.211   -4.715  1.00 0.19 ? 15 DC  B H42    1 
ATOM   470 H H5     . DC  B 1 3  ? 7.073   8.015   -6.151  1.00 0.23 ? 15 DC  B H5     1 
ATOM   471 H H6     . DC  B 1 3  ? 9.372   7.152   -6.273  1.00 0.25 ? 15 DC  B H6     1 
ATOM   472 P P      . DG  B 1 4  ? 13.938  3.987   -4.126  1.00 0.28 ? 16 DG  B P      1 
ATOM   473 O OP1    . DG  B 1 4  ? 15.329  3.675   -3.722  1.00 0.31 ? 16 DG  B OP1    1 
ATOM   474 O OP2    . DG  B 1 4  ? 13.334  3.062   -5.106  1.00 0.33 ? 16 DG  B OP2    1 
ATOM   475 O "O5'"  . DG  B 1 4  ? 13.008  4.083   -2.827  1.00 0.23 ? 16 DG  B "O5'"  1 
ATOM   476 C "C5'"  . DG  B 1 4  ? 13.326  5.052   -1.801  1.00 0.21 ? 16 DG  B "C5'"  1 
ATOM   477 C "C4'"  . DG  B 1 4  ? 12.611  4.699   -0.506  1.00 0.20 ? 16 DG  B "C4'"  1 
ATOM   478 O "O4'"  . DG  B 1 4  ? 11.293  5.304   -0.506  1.00 0.18 ? 16 DG  B "O4'"  1 
ATOM   479 C "C3'"  . DG  B 1 4  ? 12.383  3.200   -0.409  1.00 0.23 ? 16 DG  B "C3'"  1 
ATOM   480 O "O3'"  . DG  B 1 4  ? 12.733  2.776   0.927   1.00 0.24 ? 16 DG  B "O3'"  1 
ATOM   481 C "C2'"  . DG  B 1 4  ? 10.890  2.966   -0.674  1.00 0.23 ? 16 DG  B "C2'"  1 
ATOM   482 C "C1'"  . DG  B 1 4  ? 10.326  4.286   -0.170  1.00 0.19 ? 16 DG  B "C1'"  1 
ATOM   483 N N9     . DG  B 1 4  ? 9.016   4.656   -0.782  1.00 0.18 ? 16 DG  B N9     1 
ATOM   484 C C8     . DG  B 1 4  ? 8.547   4.426   -2.057  1.00 0.18 ? 16 DG  B C8     1 
ATOM   485 N N7     . DG  B 1 4  ? 7.334   4.870   -2.265  1.00 0.17 ? 16 DG  B N7     1 
ATOM   486 C C5     . DG  B 1 4  ? 6.972   5.434   -1.041  1.00 0.15 ? 16 DG  B C5     1 
ATOM   487 C C6     . DG  B 1 4  ? 5.756   6.069   -0.638  1.00 0.13 ? 16 DG  B C6     1 
ATOM   488 O O6     . DG  B 1 4  ? 4.739   6.272   -1.299  1.00 0.12 ? 16 DG  B O6     1 
ATOM   489 N N1     . DG  B 1 4  ? 5.813   6.474   0.682   1.00 0.12 ? 16 DG  B N1     1 
ATOM   490 C C2     . DG  B 1 4  ? 6.891   6.303   1.520   1.00 0.14 ? 16 DG  B C2     1 
ATOM   491 N N2     . DG  B 1 4  ? 6.763   6.764   2.751   1.00 0.16 ? 16 DG  B N2     1 
ATOM   492 N N3     . DG  B 1 4  ? 8.019   5.716   1.154   1.00 0.16 ? 16 DG  B N3     1 
ATOM   493 C C4     . DG  B 1 4  ? 7.991   5.303   -0.132  1.00 0.16 ? 16 DG  B C4     1 
ATOM   494 H "H5'"  . DG  B 1 4  ? 13.017  6.034   -2.158  1.00 0.19 ? 16 DG  B "H5'"  1 
ATOM   495 H "H5''" . DG  B 1 4  ? 14.409  5.055   -1.660  1.00 0.22 ? 16 DG  B "H5''" 1 
ATOM   496 H "H4'"  . DG  B 1 4  ? 13.190  5.044   0.348   1.00 0.19 ? 16 DG  B "H4'"  1 
ATOM   497 H "H3'"  . DG  B 1 4  ? 12.998  2.667   -1.133  1.00 0.25 ? 16 DG  B "H3'"  1 
ATOM   498 H "H2'"  . DG  B 1 4  ? 10.681  2.824   -1.737  1.00 0.23 ? 16 DG  B "H2'"  1 
ATOM   499 H "H2''" . DG  B 1 4  ? 10.502  2.121   -0.115  1.00 0.24 ? 16 DG  B "H2''" 1 
ATOM   500 H "H1'"  . DG  B 1 4  ? 10.223  4.239   0.920   1.00 0.19 ? 16 DG  B "H1'"  1 
ATOM   501 H H8     . DG  B 1 4  ? 9.127   3.917   -2.814  1.00 0.20 ? 16 DG  B H8     1 
ATOM   502 H H1     . DG  B 1 4  ? 5.013   6.913   1.048   1.00 0.12 ? 16 DG  B H1     1 
ATOM   503 H H21    . DG  B 1 4  ? 5.917   7.210   3.044   1.00 0.15 ? 16 DG  B H21    1 
ATOM   504 H H22    . DG  B 1 4  ? 7.514   6.675   3.405   1.00 0.18 ? 16 DG  B H22    1 
ATOM   505 P P      . DA  B 1 5  ? 12.200  1.371   1.502   1.00 0.26 ? 17 DA  B P      1 
ATOM   506 O OP1    . DA  B 1 5  ? 13.097  0.903   2.579   1.00 0.29 ? 17 DA  B OP1    1 
ATOM   507 O OP2    . DA  B 1 5  ? 11.985  0.417   0.388   1.00 0.28 ? 17 DA  B OP2    1 
ATOM   508 O "O5'"  . DA  B 1 5  ? 10.791  1.801   2.121   1.00 0.23 ? 17 DA  B "O5'"  1 
ATOM   509 C "C5'"  . DA  B 1 5  ? 10.754  2.811   3.159   1.00 0.21 ? 17 DA  B "C5'"  1 
ATOM   510 C "C4'"  . DA  B 1 5  ? 9.388   2.820   3.836   1.00 0.20 ? 17 DA  B "C4'"  1 
ATOM   511 O "O4'"  . DA  B 1 5  ? 8.417   3.432   2.961   1.00 0.18 ? 17 DA  B "O4'"  1 
ATOM   512 C "C3'"  . DA  B 1 5  ? 8.898   1.403   4.084   1.00 0.20 ? 17 DA  B "C3'"  1 
ATOM   513 O "O3'"  . DA  B 1 5  ? 8.601   1.265   5.484   1.00 0.20 ? 17 DA  B "O3'"  1 
ATOM   514 C "C2'"  . DA  B 1 5  ? 7.641   1.211   3.249   1.00 0.19 ? 17 DA  B "C2'"  1 
ATOM   515 C "C1'"  . DA  B 1 5  ? 7.212   2.663   3.056   1.00 0.18 ? 17 DA  B "C1'"  1 
ATOM   516 N N9     . DA  B 1 5  ? 6.392   2.906   1.820   1.00 0.16 ? 17 DA  B N9     1 
ATOM   517 C C8     . DA  B 1 5  ? 6.659   2.617   0.487   1.00 0.17 ? 17 DA  B C8     1 
ATOM   518 N N7     . DA  B 1 5  ? 5.695   2.956   -0.326  1.00 0.15 ? 17 DA  B N7     1 
ATOM   519 C C5     . DA  B 1 5  ? 4.730   3.508   0.516   1.00 0.14 ? 17 DA  B C5     1 
ATOM   520 C C6     . DA  B 1 5  ? 3.462   4.064   0.274   1.00 0.13 ? 17 DA  B C6     1 
ATOM   521 N N6     . DA  B 1 5  ? 2.929   4.177   -0.938  1.00 0.12 ? 17 DA  B N6     1 
ATOM   522 N N1     . DA  B 1 5  ? 2.771   4.516   1.338   1.00 0.12 ? 17 DA  B N1     1 
ATOM   523 C C2     . DA  B 1 5  ? 3.320   4.420   2.551   1.00 0.13 ? 17 DA  B C2     1 
ATOM   524 N N3     . DA  B 1 5  ? 4.492   3.921   2.892   1.00 0.14 ? 17 DA  B N3     1 
ATOM   525 C C4     . DA  B 1 5  ? 5.151   3.479   1.813   1.00 0.15 ? 17 DA  B C4     1 
ATOM   526 H "H5'"  . DA  B 1 5  ? 10.966  3.776   2.704   1.00 0.20 ? 17 DA  B "H5'"  1 
ATOM   527 H "H5''" . DA  B 1 5  ? 11.540  2.587   3.881   1.00 0.24 ? 17 DA  B "H5''" 1 
ATOM   528 H "H4'"  . DA  B 1 5  ? 9.445   3.355   4.780   1.00 0.21 ? 17 DA  B "H4'"  1 
ATOM   529 H "H3'"  . DA  B 1 5  ? 9.656   0.685   3.804   1.00 0.20 ? 17 DA  B "H3'"  1 
ATOM   530 H "H2'"  . DA  B 1 5  ? 7.867   0.728   2.314   1.00 0.19 ? 17 DA  B "H2'"  1 
ATOM   531 H "H2''" . DA  B 1 5  ? 6.892   0.639   3.774   1.00 0.19 ? 17 DA  B "H2''" 1 
ATOM   532 H "H1'"  . DA  B 1 5  ? 6.644   2.988   3.950   1.00 0.18 ? 17 DA  B "H1'"  1 
ATOM   533 H H8     . DA  B 1 5  ? 7.580   2.175   0.146   1.00 0.19 ? 17 DA  B H8     1 
ATOM   534 H H61    . DA  B 1 5  ? 2.017   4.577   -1.058  1.00 0.11 ? 17 DA  B H61    1 
ATOM   535 H H62    . DA  B 1 5  ? 3.427   3.867   -1.746  1.00 0.13 ? 17 DA  B H62    1 
ATOM   536 H H2     . DA  B 1 5  ? 2.737   4.803   3.359   1.00 0.13 ? 17 DA  B H2     1 
ATOM   537 P P      . DA  B 1 6  ? 7.909   -0.076  6.042   1.00 0.21 ? 18 DA  B P      1 
ATOM   538 O OP1    . DA  B 1 6  ? 8.713   -0.629  7.156   1.00 0.24 ? 18 DA  B OP1    1 
ATOM   539 O OP2    . DA  B 1 6  ? 7.628   -1.007  4.927   1.00 0.21 ? 18 DA  B OP2    1 
ATOM   540 O "O5'"  . DA  B 1 6  ? 6.528   0.510   6.615   1.00 0.21 ? 18 DA  B "O5'"  1 
ATOM   541 C "C5'"  . DA  B 1 6  ? 6.538   1.793   7.286   1.00 0.25 ? 18 DA  B "C5'"  1 
ATOM   542 C "C4'"  . DA  B 1 6  ? 5.122   2.331   7.425   1.00 0.21 ? 18 DA  B "C4'"  1 
ATOM   543 O "O4'"  . DA  B 1 6  ? 4.553   2.498   6.104   1.00 0.19 ? 18 DA  B "O4'"  1 
ATOM   544 C "C3'"  . DA  B 1 6  ? 4.251   1.335   8.149   1.00 0.19 ? 18 DA  B "C3'"  1 
ATOM   545 O "O3'"  . DA  B 1 6  ? 3.549   2.007   9.207   1.00 0.19 ? 18 DA  B "O3'"  1 
ATOM   546 C "C2'"  . DA  B 1 6  ? 3.261   0.783   7.121   1.00 0.17 ? 18 DA  B "C2'"  1 
ATOM   547 C "C1'"  . DA  B 1 6  ? 3.240   1.924   6.098   1.00 0.17 ? 18 DA  B "C1'"  1 
ATOM   548 N N9     . DA  B 1 6  ? 2.992   1.437   4.725   1.00 0.16 ? 18 DA  B N9     1 
ATOM   549 C C8     . DA  B 1 6  ? 3.681   0.486   4.036   1.00 0.16 ? 18 DA  B C8     1 
ATOM   550 N N7     . DA  B 1 6  ? 3.246   0.288   2.819   1.00 0.16 ? 18 DA  B N7     1 
ATOM   551 C C5     . DA  B 1 6  ? 2.177   1.174   2.705   1.00 0.16 ? 18 DA  B C5     1 
ATOM   552 C C6     . DA  B 1 6  ? 1.277   1.458   1.665   1.00 0.16 ? 18 DA  B C6     1 
ATOM   553 N N6     . DA  B 1 6  ? 1.300   0.844   0.485   1.00 0.16 ? 18 DA  B N6     1 
ATOM   554 N N1     . DA  B 1 6  ? 0.336   2.386   1.901   1.00 0.16 ? 18 DA  B N1     1 
ATOM   555 C C2     . DA  B 1 6  ? 0.299   2.990   3.093   1.00 0.16 ? 18 DA  B C2     1 
ATOM   556 N N3     . DA  B 1 6  ? 1.089   2.807   4.135   1.00 0.16 ? 18 DA  B N3     1 
ATOM   557 C C4     . DA  B 1 6  ? 2.017   1.873   3.868   1.00 0.16 ? 18 DA  B C4     1 
ATOM   558 H "H5'"  . DA  B 1 6  ? 7.153   2.477   6.697   1.00 0.27 ? 18 DA  B "H5'"  1 
ATOM   559 H "H5''" . DA  B 1 6  ? 6.998   1.661   8.267   1.00 0.30 ? 18 DA  B "H5''" 1 
ATOM   560 H "H4'"  . DA  B 1 6  ? 5.132   3.271   7.965   1.00 0.22 ? 18 DA  B "H4'"  1 
ATOM   561 H "H3'"  . DA  B 1 6  ? 4.867   0.543   8.564   1.00 0.21 ? 18 DA  B "H3'"  1 
ATOM   562 H "H2'"  . DA  B 1 6  ? 3.617   -0.145  6.663   1.00 0.19 ? 18 DA  B "H2'"  1 
ATOM   563 H "H2''" . DA  B 1 6  ? 2.276   0.615   7.565   1.00 0.17 ? 18 DA  B "H2''" 1 
ATOM   564 H "H1'"  . DA  B 1 6  ? 2.495   2.689   6.370   1.00 0.16 ? 18 DA  B "H1'"  1 
ATOM   565 H H8     . DA  B 1 6  ? 4.471   -0.093  4.486   1.00 0.17 ? 18 DA  B H8     1 
ATOM   566 H H61    . DA  B 1 6  ? 0.632   1.083   -0.225  1.00 0.17 ? 18 DA  B H61    1 
ATOM   567 H H62    . DA  B 1 6  ? 1.983   0.140   0.289   1.00 0.16 ? 18 DA  B H62    1 
ATOM   568 H H2     . DA  B 1 6  ? -0.485  3.710   3.228   1.00 0.17 ? 18 DA  B H2     1 
ATOM   569 P P      . DT  B 1 7  ? 2.608   1.157   10.191  1.00 0.18 ? 19 DT  B P      1 
ATOM   570 O OP1    . DT  B 1 7  ? 2.643   1.749   11.548  1.00 0.18 ? 19 DT  B OP1    1 
ATOM   571 O OP2    . DT  B 1 7  ? 2.951   -0.280  10.107  1.00 0.19 ? 19 DT  B OP2    1 
ATOM   572 O "O5'"  . DT  B 1 7  ? 1.178   1.409   9.531   1.00 0.17 ? 19 DT  B "O5'"  1 
ATOM   573 C "C5'"  . DT  B 1 7  ? 0.802   2.756   9.163   1.00 0.18 ? 19 DT  B "C5'"  1 
ATOM   574 C "C4'"  . DT  B 1 7  ? -0.588  2.775   8.573   1.00 0.17 ? 19 DT  B "C4'"  1 
ATOM   575 O "O4'"  . DT  B 1 7  ? -0.521  2.484   7.164   1.00 0.17 ? 19 DT  B "O4'"  1 
ATOM   576 C "C3'"  . DT  B 1 7  ? -1.447  1.678   9.186   1.00 0.16 ? 19 DT  B "C3'"  1 
ATOM   577 O "O3'"  . DT  B 1 7  ? -2.706  2.251   9.586   1.00 0.16 ? 19 DT  B "O3'"  1 
ATOM   578 C "C2'"  . DT  B 1 7  ? -1.669  0.635   8.100   1.00 0.16 ? 19 DT  B "C2'"  1 
ATOM   579 C "C1'"  . DT  B 1 7  ? -1.523  1.504   6.862   1.00 0.16 ? 19 DT  B "C1'"  1 
ATOM   580 N N1     . DT  B 1 7  ? -1.109  0.759   5.632   1.00 0.16 ? 19 DT  B N1     1 
ATOM   581 C C2     . DT  B 1 7  ? -1.877  0.933   4.489   1.00 0.16 ? 19 DT  B C2     1 
ATOM   582 O O2     . DT  B 1 7  ? -2.863  1.661   4.481   1.00 0.16 ? 19 DT  B O2     1 
ATOM   583 N N3     . DT  B 1 7  ? -1.467  0.250   3.364   1.00 0.17 ? 19 DT  B N3     1 
ATOM   584 C C4     . DT  B 1 7  ? -0.367  -0.575  3.268   1.00 0.17 ? 19 DT  B C4     1 
ATOM   585 O O4     . DT  B 1 7  ? -0.086  -1.123  2.204   1.00 0.17 ? 19 DT  B O4     1 
ATOM   586 C C5     . DT  B 1 7  ? 0.378   -0.698  4.508   1.00 0.17 ? 19 DT  B C5     1 
ATOM   587 C C7     . DT  B 1 7  ? 1.581   -1.598  4.512   1.00 0.17 ? 19 DT  B C7     1 
ATOM   588 C C6     . DT  B 1 7  ? -0.005  -0.044  5.620   1.00 0.16 ? 19 DT  B C6     1 
ATOM   589 H "H5'"  . DT  B 1 7  ? 1.525   3.127   8.449   1.00 0.20 ? 19 DT  B "H5'"  1 
ATOM   590 H "H5''" . DT  B 1 7  ? 0.844   3.375   10.051  1.00 0.18 ? 19 DT  B "H5''" 1 
ATOM   591 H "H4'"  . DT  B 1 7  ? -1.040  3.744   8.743   1.00 0.18 ? 19 DT  B "H4'"  1 
ATOM   592 H "H3'"  . DT  B 1 7  ? -0.954  1.238   10.039  1.00 0.17 ? 19 DT  B "H3'"  1 
ATOM   593 H "H2'"  . DT  B 1 7  ? -0.905  -0.141  8.137   1.00 0.16 ? 19 DT  B "H2'"  1 
ATOM   594 H "H2''" . DT  B 1 7  ? -2.654  0.178   8.166   1.00 0.15 ? 19 DT  B "H2''" 1 
ATOM   595 H "H1'"  . DT  B 1 7  ? -2.466  2.017   6.674   1.00 0.16 ? 19 DT  B "H1'"  1 
ATOM   596 H H3     . DT  B 1 7  ? -2.009  0.360   2.552   1.00 0.17 ? 19 DT  B H3     1 
ATOM   597 H H71    . DT  B 1 7  ? 1.285   -2.605  4.814   1.00 0.93 ? 19 DT  B H71    1 
ATOM   598 H H72    . DT  B 1 7  ? 2.319   -1.215  5.216   1.00 1.01 ? 19 DT  B H72    1 
ATOM   599 H H73    . DT  B 1 7  ? 2.022   -1.637  3.514   1.00 0.91 ? 19 DT  B H73    1 
ATOM   600 H H6     . DT  B 1 7  ? 0.565   -0.169  6.522   1.00 0.17 ? 19 DT  B H6     1 
ATOM   601 P P      . DT  B 1 8  ? -3.822  1.321   10.274  1.00 0.15 ? 20 DT  B P      1 
ATOM   602 O OP1    . DT  B 1 8  ? -4.563  2.104   11.293  1.00 0.17 ? 20 DT  B OP1    1 
ATOM   603 O OP2    . DT  B 1 8  ? -3.201  0.068   10.755  1.00 0.18 ? 20 DT  B OP2    1 
ATOM   604 O "O5'"  . DT  B 1 8  ? -4.782  1.003   9.032   1.00 0.11 ? 20 DT  B "O5'"  1 
ATOM   605 C "C5'"  . DT  B 1 8  ? -5.735  2.001   8.610   1.00 0.11 ? 20 DT  B "C5'"  1 
ATOM   606 C "C4'"  . DT  B 1 8  ? -6.623  1.444   7.506   1.00 0.11 ? 20 DT  B "C4'"  1 
ATOM   607 O "O4'"  . DT  B 1 8  ? -5.798  0.957   6.423   1.00 0.11 ? 20 DT  B "O4'"  1 
ATOM   608 C "C3'"  . DT  B 1 8  ? -7.419  0.243   8.003   1.00 0.11 ? 20 DT  B "C3'"  1 
ATOM   609 O "O3'"  . DT  B 1 8  ? -8.819  0.496   7.756   1.00 0.13 ? 20 DT  B "O3'"  1 
ATOM   610 C "C2'"  . DT  B 1 8  ? -6.942  -0.970  7.199   1.00 0.10 ? 20 DT  B "C2'"  1 
ATOM   611 C "C1'"  . DT  B 1 8  ? -6.374  -0.270  5.963   1.00 0.11 ? 20 DT  B "C1'"  1 
ATOM   612 N N1     . DT  B 1 8  ? -5.316  -1.057  5.251   1.00 0.10 ? 20 DT  B N1     1 
ATOM   613 C C2     . DT  B 1 8  ? -5.492  -1.291  3.892   1.00 0.10 ? 20 DT  B C2     1 
ATOM   614 O O2     . DT  B 1 8  ? -6.462  -0.855  3.283   1.00 0.10 ? 20 DT  B O2     1 
ATOM   615 N N3     . DT  B 1 8  ? -4.517  -2.047  3.259   1.00 0.10 ? 20 DT  B N3     1 
ATOM   616 C C4     . DT  B 1 8  ? -3.397  -2.579  3.859   1.00 0.10 ? 20 DT  B C4     1 
ATOM   617 O O4     . DT  B 1 8  ? -2.592  -3.243  3.198   1.00 0.11 ? 20 DT  B O4     1 
ATOM   618 C C5     . DT  B 1 8  ? -3.287  -2.289  5.280   1.00 0.10 ? 20 DT  B C5     1 
ATOM   619 C C7     . DT  B 1 8  ? -2.095  -2.842  6.011   1.00 0.12 ? 20 DT  B C7     1 
ATOM   620 C C6     . DT  B 1 8  ? -4.225  -1.550  5.916   1.00 0.10 ? 20 DT  B C6     1 
ATOM   621 H "H5'"  . DT  B 1 8  ? -5.186  2.875   8.264   1.00 0.11 ? 20 DT  B "H5'"  1 
ATOM   622 H "H5''" . DT  B 1 8  ? -6.331  2.293   9.477   1.00 0.11 ? 20 DT  B "H5''" 1 
ATOM   623 H "H4'"  . DT  B 1 8  ? -7.306  2.214   7.149   1.00 0.14 ? 20 DT  B "H4'"  1 
ATOM   624 H "H3'"  . DT  B 1 8  ? -7.257  0.088   9.067   1.00 0.10 ? 20 DT  B "H3'"  1 
ATOM   625 H "H2'"  . DT  B 1 8  ? -6.172  -1.529  7.731   1.00 0.08 ? 20 DT  B "H2'"  1 
ATOM   626 H "H2''" . DT  B 1 8  ? -7.762  -1.634  6.950   1.00 0.11 ? 20 DT  B "H2''" 1 
ATOM   627 H "H1'"  . DT  B 1 8  ? -7.190  -0.040  5.272   1.00 0.13 ? 20 DT  B "H1'"  1 
ATOM   628 H H3     . DT  B 1 8  ? -4.636  -2.226  2.301   1.00 0.10 ? 20 DT  B H3     1 
ATOM   629 H H71    . DT  B 1 8  ? -1.271  -2.133  5.961   1.00 1.02 ? 20 DT  B H71    1 
ATOM   630 H H72    . DT  B 1 8  ? -1.783  -3.782  5.552   1.00 1.00 ? 20 DT  B H72    1 
ATOM   631 H H73    . DT  B 1 8  ? -2.357  -3.023  7.054   1.00 0.94 ? 20 DT  B H73    1 
ATOM   632 H H6     . DT  B 1 8  ? -4.111  -1.347  6.971   1.00 0.11 ? 20 DT  B H6     1 
HETATM 633 P P      . CAR B 1 9  ? -9.887  -0.705  7.805   1.00 0.16 ? 21 CAR B P      1 
HETATM 634 O OP1    . CAR B 1 9  ? -11.236 -0.166  8.113   1.00 0.18 ? 21 CAR B OP1    1 
HETATM 635 O OP2    . CAR B 1 9  ? -9.402  -1.776  8.709   1.00 0.14 ? 21 CAR B OP2    1 
HETATM 636 O "O5'"  . CAR B 1 9  ? -9.839  -1.233  6.284   1.00 0.18 ? 21 CAR B "O5'"  1 
HETATM 637 C "C5'"  . CAR B 1 9  ? -10.727 -0.649  5.298   1.00 0.18 ? 21 CAR B "C5'"  1 
HETATM 638 C "C4'"  . CAR B 1 9  ? -10.696 -1.461  3.998   1.00 0.18 ? 21 CAR B "C4'"  1 
HETATM 639 O "O4'"  . CAR B 1 9  ? -9.351  -1.645  3.566   1.00 0.16 ? 21 CAR B "O4'"  1 
HETATM 640 C "C3'"  . CAR B 1 9  ? -11.237 -2.846  4.228   1.00 0.18 ? 21 CAR B "C3'"  1 
HETATM 641 O "O3'"  . CAR B 1 9  ? -12.656 -2.864  4.027   1.00 0.22 ? 21 CAR B "O3'"  1 
HETATM 642 C "C2'"  . CAR B 1 9  ? -10.550 -3.670  3.126   1.00 0.17 ? 21 CAR B "C2'"  1 
HETATM 643 O "O2'"  . CAR B 1 9  ? -10.199 -4.931  3.585   1.00 0.16 ? 21 CAR B "O2'"  1 
HETATM 644 C "C1'"  . CAR B 1 9  ? -9.323  -2.830  2.747   1.00 0.15 ? 21 CAR B "C1'"  1 
HETATM 645 N N1     . CAR B 1 9  ? -8.018  -3.558  2.959   1.00 0.11 ? 21 CAR B N1     1 
HETATM 646 C C2     . CAR B 1 9  ? -7.494  -4.266  1.877   1.00 0.10 ? 21 CAR B C2     1 
HETATM 647 O O2     . CAR B 1 9  ? -8.106  -4.294  0.811   1.00 0.11 ? 21 CAR B O2     1 
HETATM 648 N N3     . CAR B 1 9  ? -6.317  -4.915  2.032   1.00 0.08 ? 21 CAR B N3     1 
HETATM 649 C C4     . CAR B 1 9  ? -5.667  -4.879  3.196   1.00 0.08 ? 21 CAR B C4     1 
HETATM 650 N N4     . CAR B 1 9  ? -4.503  -5.508  3.298   1.00 0.08 ? 21 CAR B N4     1 
HETATM 651 C C5     . CAR B 1 9  ? -6.191  -4.160  4.323   1.00 0.09 ? 21 CAR B C5     1 
HETATM 652 C C6     . CAR B 1 9  ? -7.369  -3.514  4.154   1.00 0.11 ? 21 CAR B C6     1 
HETATM 653 H "H5'"  . CAR B 1 9  ? -10.411 0.381   5.126   1.00 0.18 ? 21 CAR B "H5'"  1 
HETATM 654 H "H5''" . CAR B 1 9  ? -11.737 -0.631  5.718   1.00 0.19 ? 21 CAR B "H5''" 1 
HETATM 655 H "H4'"  . CAR B 1 9  ? -11.286 -0.950  3.226   1.00 0.21 ? 21 CAR B "H4'"  1 
HETATM 656 H "H3'"  . CAR B 1 9  ? -10.985 -3.217  5.213   1.00 0.17 ? 21 CAR B "H3'"  1 
HETATM 657 H "H2'"  . CAR B 1 9  ? -11.212 -3.784  2.273   1.00 0.19 ? 21 CAR B "H2'"  1 
HETATM 658 H "HO2'" . CAR B 1 9  ? -10.981 -5.396  3.816   1.00 0.17 ? 21 CAR B "HO2'" 1 
HETATM 659 H "H1'"  . CAR B 1 9  ? -9.404  -2.534  1.703   1.00 0.16 ? 21 CAR B "H1'"  1 
HETATM 660 H HN41   . CAR B 1 9  ? -3.986  -5.488  4.156   1.00 0.09 ? 21 CAR B HN41   1 
HETATM 661 H HN42   . CAR B 1 9  ? -4.126  -6.011  2.519   1.00 0.09 ? 21 CAR B HN42   1 
HETATM 662 H H5     . CAR B 1 9  ? -5.672  -4.130  5.268   1.00 0.09 ? 21 CAR B H5     1 
HETATM 663 H H6     . CAR B 1 9  ? -7.805  -2.962  4.964   1.00 0.13 ? 21 CAR B H6     1 
ATOM   664 P P      . DG  B 1 10 ? -13.437 -4.250  4.226   1.00 0.22 ? 22 DG  B P      1 
ATOM   665 O OP1    . DG  B 1 10 ? -14.888 -3.998  4.361   1.00 0.27 ? 22 DG  B OP1    1 
ATOM   666 O OP2    . DG  B 1 10 ? -12.808 -5.015  5.327   1.00 0.21 ? 22 DG  B OP2    1 
ATOM   667 O "O5'"  . DG  B 1 10 ? -13.137 -4.977  2.837   1.00 0.20 ? 22 DG  B "O5'"  1 
ATOM   668 C "C5'"  . DG  B 1 10 ? -13.845 -4.548  1.652   1.00 0.21 ? 22 DG  B "C5'"  1 
ATOM   669 C "C4'"  . DG  B 1 10 ? -13.455 -5.414  0.467   1.00 0.18 ? 22 DG  B "C4'"  1 
ATOM   670 O "O4'"  . DG  B 1 10 ? -12.049 -5.744  0.559   1.00 0.15 ? 22 DG  B "O4'"  1 
ATOM   671 C "C3'"  . DG  B 1 10 ? -14.200 -6.730  0.519   1.00 0.16 ? 22 DG  B "C3'"  1 
ATOM   672 O "O3'"  . DG  B 1 10 ? -14.635 -7.064  -0.808  1.00 0.16 ? 22 DG  B "O3'"  1 
ATOM   673 C "C2'"  . DG  B 1 10 ? -13.211 -7.773  1.017   1.00 0.13 ? 22 DG  B "C2'"  1 
ATOM   674 C "C1'"  . DG  B 1 10 ? -11.911 -7.177  0.493   1.00 0.12 ? 22 DG  B "C1'"  1 
ATOM   675 N N9     . DG  B 1 10 ? -10.703 -7.558  1.288   1.00 0.10 ? 22 DG  B N9     1 
ATOM   676 C C8     . DG  B 1 10 ? -10.423 -7.316  2.607   1.00 0.11 ? 22 DG  B C8     1 
ATOM   677 N N7     . DG  B 1 10 ? -9.266  -7.785  3.005   1.00 0.09 ? 22 DG  B N7     1 
ATOM   678 C C5     . DG  B 1 10 ? -8.739  -8.377  1.862   1.00 0.08 ? 22 DG  B C5     1 
ATOM   679 C C6     . DG  B 1 10 ? -7.498  -9.063  1.665   1.00 0.09 ? 22 DG  B C6     1 
ATOM   680 O O6     . DG  B 1 10 ? -6.605  -9.296  2.477   1.00 0.10 ? 22 DG  B O6     1 
ATOM   681 N N1     . DG  B 1 10 ? -7.372  -9.505  0.359   1.00 0.10 ? 22 DG  B N1     1 
ATOM   682 C C2     . DG  B 1 10 ? -8.301  -9.323  -0.636  1.00 0.09 ? 22 DG  B C2     1 
ATOM   683 N N2     . DG  B 1 10 ? -7.993  -9.793  -1.827  1.00 0.12 ? 22 DG  B N2     1 
ATOM   684 N N3     . DG  B 1 10 ? -9.455  -8.691  -0.459  1.00 0.08 ? 22 DG  B N3     1 
ATOM   685 C C4     . DG  B 1 10 ? -9.611  -8.248  0.810   1.00 0.08 ? 22 DG  B C4     1 
ATOM   686 H "H5'"  . DG  B 1 10 ? -13.597 -3.505  1.468   1.00 0.22 ? 22 DG  B "H5'"  1 
ATOM   687 H "H5''" . DG  B 1 10 ? -14.917 -4.622  1.848   1.00 0.24 ? 22 DG  B "H5''" 1 
ATOM   688 H "H4'"  . DG  B 1 10 ? -13.676 -4.896  -0.469  1.00 0.19 ? 22 DG  B "H4'"  1 
ATOM   689 H "H3'"  . DG  B 1 10 ? -15.057 -6.663  1.179   1.00 0.19 ? 22 DG  B "H3'"  1 
ATOM   690 H "H2'"  . DG  B 1 10 ? -13.215 -7.843  2.107   1.00 0.15 ? 22 DG  B "H2'"  1 
ATOM   691 H "H2''" . DG  B 1 10 ? -13.405 -8.751  0.593   1.00 0.12 ? 22 DG  B "H2''" 1 
ATOM   692 H "H1'"  . DG  B 1 10 ? -11.777 -7.474  -0.547  1.00 0.12 ? 22 DG  B "H1'"  1 
ATOM   693 H H8     . DG  B 1 10 ? -11.094 -6.782  3.256   1.00 0.13 ? 22 DG  B H8     1 
ATOM   694 H H1     . DG  B 1 10 ? -6.553  -10.004 0.137   1.00 0.12 ? 22 DG  B H1     1 
ATOM   695 H H21    . DG  B 1 10 ? -7.130  -10.271 -1.978  1.00 0.14 ? 22 DG  B H21    1 
ATOM   696 H H22    . DG  B 1 10 ? -8.622  -9.681  -2.593  1.00 0.12 ? 22 DG  B H22    1 
ATOM   697 P P      . DC  B 1 11 ? -15.399 -8.448  -1.067  1.00 0.17 ? 23 DC  B P      1 
ATOM   698 O OP1    . DC  B 1 11 ? -16.250 -8.332  -2.277  1.00 0.19 ? 23 DC  B OP1    1 
ATOM   699 O OP2    . DC  B 1 11 ? -16.092 -8.872  0.169   1.00 0.19 ? 23 DC  B OP2    1 
ATOM   700 O "O5'"  . DC  B 1 11 ? -14.168 -9.437  -1.353  1.00 0.14 ? 23 DC  B "O5'"  1 
ATOM   701 C "C5'"  . DC  B 1 11 ? -13.671 -9.572  -2.700  1.00 0.12 ? 23 DC  B "C5'"  1 
ATOM   702 C "C4'"  . DC  B 1 11 ? -12.756 -10.784 -2.805  1.00 0.11 ? 23 DC  B "C4'"  1 
ATOM   703 O "O4'"  . DC  B 1 11 ? -11.643 -10.643 -1.894  1.00 0.08 ? 23 DC  B "O4'"  1 
ATOM   704 C "C3'"  . DC  B 1 11 ? -13.490 -12.040 -2.378  1.00 0.12 ? 23 DC  B "C3'"  1 
ATOM   705 O "O3'"  . DC  B 1 11 ? -13.457 -12.973 -3.472  1.00 0.13 ? 23 DC  B "O3'"  1 
ATOM   706 C "C2'"  . DC  B 1 11 ? -12.747 -12.618 -1.163  1.00 0.12 ? 23 DC  B "C2'"  1 
ATOM   707 C "C1'"  . DC  B 1 11 ? -11.389 -11.935 -1.312  1.00 0.09 ? 23 DC  B "C1'"  1 
ATOM   708 N N1     . DC  B 1 11 ? -10.647 -11.739 -0.014  1.00 0.09 ? 23 DC  B N1     1 
ATOM   709 C C2     . DC  B 1 11 ? -9.343  -12.233 0.063   1.00 0.11 ? 23 DC  B C2     1 
ATOM   710 O O2     . DC  B 1 11 ? -8.849  -12.802 -0.905  1.00 0.12 ? 23 DC  B O2     1 
ATOM   711 N N3     . DC  B 1 11 ? -8.649  -12.061 1.220   1.00 0.12 ? 23 DC  B N3     1 
ATOM   712 C C4     . DC  B 1 11 ? -9.192  -11.437 2.262   1.00 0.12 ? 23 DC  B C4     1 
ATOM   713 N N4     . DC  B 1 11 ? -8.456  -11.264 3.367   1.00 0.14 ? 23 DC  B N4     1 
ATOM   714 C C5     . DC  B 1 11 ? -10.534 -10.921 2.206   1.00 0.11 ? 23 DC  B C5     1 
ATOM   715 C C6     . DC  B 1 11 ? -11.221 -11.100 1.045   1.00 0.10 ? 23 DC  B C6     1 
ATOM   716 H "H5'"  . DC  B 1 11 ? -13.142 -8.662  -2.955  1.00 0.10 ? 23 DC  B "H5'"  1 
ATOM   717 H "H5''" . DC  B 1 11 ? -14.527 -9.680  -3.373  1.00 0.13 ? 23 DC  B "H5''" 1 
ATOM   718 H "H4'"  . DC  B 1 11 ? -12.399 -10.896 -3.830  1.00 0.12 ? 23 DC  B "H4'"  1 
ATOM   719 H "H3'"  . DC  B 1 11 ? -14.521 -11.813 -2.126  1.00 0.14 ? 23 DC  B "H3'"  1 
ATOM   720 H "H2'"  . DC  B 1 11 ? -13.235 -12.342 -0.228  1.00 0.13 ? 23 DC  B "H2'"  1 
ATOM   721 H "H2''" . DC  B 1 11 ? -12.662 -13.707 -1.221  1.00 0.13 ? 23 DC  B "H2''" 1 
ATOM   722 H "H1'"  . DC  B 1 11 ? -10.771 -12.518 -2.005  1.00 0.10 ? 23 DC  B "H1'"  1 
ATOM   723 H H41    . DC  B 1 11 ? -7.524  -11.618 3.417   1.00 0.16 ? 23 DC  B H41    1 
ATOM   724 H H42    . DC  B 1 11 ? -8.829  -10.775 4.156   1.00 0.15 ? 23 DC  B H42    1 
ATOM   725 H H5     . DC  B 1 11 ? -10.988 -10.418 3.047   1.00 0.12 ? 23 DC  B H5     1 
ATOM   726 H H6     . DC  B 1 11 ? -12.233 -10.737 0.954   1.00 0.10 ? 23 DC  B H6     1 
ATOM   727 P P      . DG  B 1 12 ? -14.056 -14.449 -3.286  1.00 0.17 ? 24 DG  B P      1 
ATOM   728 O OP1    . DG  B 1 12 ? -14.717 -14.876 -4.533  1.00 0.21 ? 24 DG  B OP1    1 
ATOM   729 O OP2    . DG  B 1 12 ? -14.888 -14.510 -2.067  1.00 0.21 ? 24 DG  B OP2    1 
ATOM   730 O "O5'"  . DG  B 1 12 ? -12.721 -15.292 -3.064  1.00 0.17 ? 24 DG  B "O5'"  1 
ATOM   731 C "C5'"  . DG  B 1 12 ? -11.802 -15.476 -4.169  1.00 0.17 ? 24 DG  B "C5'"  1 
ATOM   732 C "C4'"  . DG  B 1 12 ? -10.826 -16.587 -3.835  1.00 0.20 ? 24 DG  B "C4'"  1 
ATOM   733 O "O4'"  . DG  B 1 12 ? -10.296 -16.339 -2.545  1.00 0.17 ? 24 DG  B "O4'"  1 
ATOM   734 C "C3'"  . DG  B 1 12 ? -11.534 -17.918 -3.737  1.00 0.24 ? 24 DG  B "C3'"  1 
ATOM   735 O "O3'"  . DG  B 1 12 ? -11.269 -18.740 -4.860  1.00 0.30 ? 24 DG  B "O3'"  1 
ATOM   736 C "C2'"  . DG  B 1 12 ? -11.000 -18.611 -2.472  1.00 0.24 ? 24 DG  B "C2'"  1 
ATOM   737 C "C1'"  . DG  B 1 12 ? -9.977  -17.585 -1.951  1.00 0.21 ? 24 DG  B "C1'"  1 
ATOM   738 N N9     . DG  B 1 12 ? -10.007 -17.400 -0.465  1.00 0.19 ? 24 DG  B N9     1 
ATOM   739 C C8     . DG  B 1 12 ? -11.080 -17.126 0.368   1.00 0.19 ? 24 DG  B C8     1 
ATOM   740 N N7     . DG  B 1 12 ? -10.761 -17.046 1.636   1.00 0.20 ? 24 DG  B N7     1 
ATOM   741 C C5     . DG  B 1 12 ? -9.387  -17.278 1.648   1.00 0.20 ? 24 DG  B C5     1 
ATOM   742 C C6     . DG  B 1 12 ? -8.474  -17.327 2.740   1.00 0.22 ? 24 DG  B C6     1 
ATOM   743 O O6     . DG  B 1 12 ? -8.697  -17.166 3.940   1.00 0.23 ? 24 DG  B O6     1 
ATOM   744 N N1     . DG  B 1 12 ? -7.188  -17.598 2.308   1.00 0.23 ? 24 DG  B N1     1 
ATOM   745 C C2     . DG  B 1 12 ? -6.812  -17.799 0.999   1.00 0.23 ? 24 DG  B C2     1 
ATOM   746 N N2     . DG  B 1 12 ? -5.533  -18.036 0.777   1.00 0.26 ? 24 DG  B N2     1 
ATOM   747 N N3     . DG  B 1 12 ? -7.655  -17.760 -0.023  1.00 0.22 ? 24 DG  B N3     1 
ATOM   748 C C4     . DG  B 1 12 ? -8.927  -17.499 0.369   1.00 0.20 ? 24 DG  B C4     1 
ATOM   749 H "H5'"  . DG  B 1 12 ? -11.274 -14.543 -4.333  1.00 0.16 ? 24 DG  B "H5'"  1 
ATOM   750 H "H5''" . DG  B 1 12 ? -12.384 -15.717 -5.069  1.00 0.18 ? 24 DG  B "H5''" 1 
ATOM   751 H "H4'"  . DG  B 1 12 ? -10.032 -16.630 -4.580  1.00 0.23 ? 24 DG  B "H4'"  1 
ATOM   752 H "H3'"  . DG  B 1 12 ? -12.607 -17.760 -3.651  1.00 0.23 ? 24 DG  B "H3'"  1 
ATOM   753 H "HO3'" . DG  B 1 12 ? -11.797 -19.496 -4.759  1.00 0.29 ? 24 DG  B "HO3'" 1 
ATOM   754 H "H2'"  . DG  B 1 12 ? -11.793 -18.785 -1.742  1.00 0.25 ? 24 DG  B "H2'"  1 
ATOM   755 H "H2''" . DG  B 1 12 ? -10.523 -19.558 -2.713  1.00 0.28 ? 24 DG  B "H2''" 1 
ATOM   756 H "H1'"  . DG  B 1 12 ? -8.975  -17.882 -2.261  1.00 0.23 ? 24 DG  B "H1'"  1 
ATOM   757 H H8     . DG  B 1 12 ? -12.088 -16.976 0.008   1.00 0.19 ? 24 DG  B H8     1 
ATOM   758 H H1     . DG  B 1 12 ? -6.492  -17.660 2.998   1.00 0.24 ? 24 DG  B H1     1 
ATOM   759 H H21    . DG  B 1 12 ? -4.879  -18.074 1.532   1.00 0.28 ? 24 DG  B H21    1 
ATOM   760 H H22    . DG  B 1 12 ? -5.202  -18.183 -0.155  1.00 0.28 ? 24 DG  B H22    1 
# 
